data_9BC9
#
_entry.id   9BC9
#
_cell.length_a   44.528
_cell.length_b   87.877
_cell.length_c   89.896
_cell.angle_alpha   90.00
_cell.angle_beta   104.31
_cell.angle_gamma   90.00
#
_symmetry.space_group_name_H-M   'P 1 21 1'
#
loop_
_entity.id
_entity.type
_entity.pdbx_description
1 polymer 'Kelch domain-containing protein 2'
2 non-polymer N-({2-[2-chloro-4-(methoxymethoxy)phenyl]-1,3-thiazol-4-yl}acetyl)glycine
3 non-polymer 'COBALT HEXAMMINE(III)'
4 water water
#
_entity_poly.entity_id   1
_entity_poly.type   'polypeptide(L)'
_entity_poly.pdbx_seq_one_letter_code
;GSPAFESYESMELACPAERSGHVAVSDGRHMFVWGGYKSNQVRGLYDFYLPREELWIYNMETGRWKKINTEGDVPPSMSG
SCAVCVDRVLYLFGGHHSRGNTNKFYMLDSRSTDRVLQWERIDCQGIPPSSKDKLGVWVYKNKLIFFGGYGYLPEDKVLG
TFEFDETSFWNSSHPRGWNDHVHILDTETFTWSQPITTGKAPSPRAAHACATVGNRGFVFGGRYRDARMNDLHYLNLDTW
EWNELIPQGICPVGRSWHSLTPVSSDHLFLFGGFTTDKQPLSDAWTYCISKNEWIQFNHPYTEKPRLWHTACASDEGEVI
VFGGCANNLLVHHRAAHSNEILIFSVQP
;
_entity_poly.pdbx_strand_id   A,B
#
# COMPACT_ATOMS: atom_id res chain seq x y z
N ALA A 14 22.47 5.41 10.02
CA ALA A 14 23.52 6.40 10.21
C ALA A 14 22.95 7.81 10.19
N CYS A 15 22.62 8.29 8.99
CA CYS A 15 22.01 9.58 8.77
C CYS A 15 20.93 9.45 7.71
N PRO A 16 19.92 10.31 7.72
CA PRO A 16 18.83 10.16 6.75
C PRO A 16 19.28 10.43 5.33
N ALA A 17 18.67 9.70 4.39
CA ALA A 17 18.98 9.88 2.98
C ALA A 17 18.34 11.16 2.45
N GLU A 18 18.95 11.72 1.41
CA GLU A 18 18.45 12.93 0.78
C GLU A 18 17.06 12.70 0.21
N ARG A 19 16.26 13.77 0.17
CA ARG A 19 14.88 13.62 -0.25
C ARG A 19 14.27 15.00 -0.50
N SER A 20 13.22 15.02 -1.32
CA SER A 20 12.37 16.20 -1.48
C SER A 20 10.93 15.80 -1.28
N GLY A 21 10.10 16.80 -0.96
CA GLY A 21 8.67 16.57 -0.86
C GLY A 21 8.25 15.77 0.34
N HIS A 22 9.15 15.58 1.31
CA HIS A 22 8.88 14.88 2.56
C HIS A 22 8.05 15.77 3.48
N VAL A 23 7.70 15.23 4.66
CA VAL A 23 7.07 16.02 5.71
C VAL A 23 8.03 16.13 6.88
N ALA A 24 7.88 17.21 7.64
CA ALA A 24 8.66 17.39 8.85
C ALA A 24 7.86 18.22 9.84
N VAL A 25 7.64 17.68 11.04
CA VAL A 25 6.90 18.36 12.07
C VAL A 25 7.71 18.28 13.36
N SER A 26 7.44 19.21 14.27
CA SER A 26 8.28 19.37 15.44
C SER A 26 7.44 19.85 16.61
N ASP A 27 7.90 19.54 17.81
CA ASP A 27 7.34 20.07 19.04
C ASP A 27 8.22 21.15 19.66
N GLY A 28 9.29 21.56 18.96
CA GLY A 28 10.23 22.53 19.47
C GLY A 28 11.54 21.95 19.96
N ARG A 29 11.59 20.64 20.19
CA ARG A 29 12.78 19.91 20.60
C ARG A 29 13.19 18.84 19.60
N HIS A 30 12.22 18.07 19.12
CA HIS A 30 12.47 16.97 18.20
C HIS A 30 11.72 17.24 16.91
N MET A 31 12.33 16.85 15.80
CA MET A 31 11.74 17.03 14.48
C MET A 31 11.56 15.66 13.86
N PHE A 32 10.33 15.34 13.47
CA PHE A 32 9.99 14.05 12.88
C PHE A 32 9.87 14.20 11.37
N VAL A 33 10.56 13.33 10.62
CA VAL A 33 10.63 13.39 9.17
C VAL A 33 10.13 12.07 8.61
N TRP A 34 9.20 12.13 7.66
CA TRP A 34 8.68 10.95 6.99
C TRP A 34 8.53 11.20 5.50
N GLY A 35 8.79 10.16 4.71
CA GLY A 35 8.43 10.22 3.30
C GLY A 35 9.42 10.99 2.45
N GLY A 36 8.90 11.56 1.38
CA GLY A 36 9.71 12.17 0.35
C GLY A 36 10.14 11.16 -0.72
N TYR A 37 10.79 11.70 -1.76
CA TYR A 37 11.33 10.90 -2.86
C TYR A 37 12.74 11.40 -3.17
N LYS A 38 13.46 10.65 -4.00
CA LYS A 38 14.78 11.08 -4.45
C LYS A 38 15.06 10.40 -5.80
N SER A 39 16.28 10.60 -6.30
CA SER A 39 16.71 9.92 -7.53
C SER A 39 17.92 9.01 -7.29
N PHE A 48 12.59 7.07 -6.83
CA PHE A 48 11.85 6.14 -5.98
C PHE A 48 11.53 6.79 -4.64
N TYR A 49 10.37 6.44 -4.10
CA TYR A 49 9.97 6.95 -2.80
C TYR A 49 10.82 6.33 -1.70
N LEU A 50 11.02 7.08 -0.62
CA LEU A 50 11.76 6.57 0.52
C LEU A 50 10.89 5.60 1.33
N PRO A 51 11.51 4.70 2.09
CA PRO A 51 10.75 3.59 2.72
C PRO A 51 9.64 4.09 3.63
N ARG A 52 8.44 3.53 3.44
CA ARG A 52 7.24 4.04 4.10
C ARG A 52 7.24 3.80 5.60
N GLU A 53 7.90 2.75 6.07
CA GLU A 53 7.89 2.44 7.49
C GLU A 53 8.83 3.32 8.30
N GLU A 54 9.82 3.93 7.65
CA GLU A 54 10.85 4.68 8.37
C GLU A 54 10.31 6.02 8.88
N LEU A 55 10.72 6.38 10.09
CA LEU A 55 10.45 7.69 10.68
C LEU A 55 11.74 8.19 11.28
N TRP A 56 12.27 9.27 10.73
CA TRP A 56 13.54 9.85 11.17
C TRP A 56 13.29 10.98 12.15
N ILE A 57 14.03 10.97 13.26
CA ILE A 57 13.84 11.92 14.35
C ILE A 57 15.14 12.69 14.56
N TYR A 58 15.09 14.01 14.39
CA TYR A 58 16.23 14.88 14.61
C TYR A 58 16.07 15.58 15.94
N ASN A 59 17.13 15.54 16.75
CA ASN A 59 17.17 16.26 18.01
C ASN A 59 17.67 17.68 17.75
N MET A 60 16.79 18.66 17.95
CA MET A 60 17.13 20.06 17.71
C MET A 60 18.14 20.61 18.71
N GLU A 61 18.29 19.96 19.87
CA GLU A 61 19.20 20.46 20.89
C GLU A 61 20.59 19.86 20.78
N THR A 62 20.70 18.63 20.30
CA THR A 62 21.99 17.94 20.22
C THR A 62 22.47 17.71 18.80
N GLY A 63 21.58 17.71 17.81
CA GLY A 63 21.97 17.51 16.43
C GLY A 63 22.09 16.06 15.99
N ARG A 64 21.67 15.11 16.82
CA ARG A 64 21.72 13.70 16.48
C ARG A 64 20.41 13.26 15.82
N TRP A 65 20.53 12.41 14.80
CA TRP A 65 19.41 11.73 14.18
C TRP A 65 19.17 10.38 14.86
N LYS A 66 18.00 9.81 14.61
CA LYS A 66 17.65 8.48 15.10
C LYS A 66 16.53 7.91 14.24
N LYS A 67 16.70 6.68 13.76
CA LYS A 67 15.73 6.03 12.88
C LYS A 67 14.96 4.95 13.64
N ILE A 68 13.64 5.00 13.55
CA ILE A 68 12.79 3.97 14.12
C ILE A 68 11.83 3.51 13.03
N ASN A 69 11.34 2.28 13.16
CA ASN A 69 10.43 1.69 12.20
C ASN A 69 9.04 1.60 12.81
N THR A 70 8.04 2.03 12.04
CA THR A 70 6.66 2.07 12.49
C THR A 70 5.91 0.82 12.04
N GLU A 71 4.72 0.63 12.62
CA GLU A 71 3.82 -0.44 12.23
C GLU A 71 2.40 0.12 12.15
N GLY A 72 1.41 -0.77 12.06
CA GLY A 72 0.02 -0.35 12.00
C GLY A 72 -0.44 -0.11 10.58
N ASP A 73 -1.37 0.83 10.38
CA ASP A 73 -1.82 1.17 9.03
C ASP A 73 -0.81 2.14 8.41
N VAL A 74 0.38 1.61 8.11
CA VAL A 74 1.43 2.50 7.59
C VAL A 74 0.95 3.15 6.31
N PRO A 75 1.05 4.47 6.18
CA PRO A 75 0.63 5.12 4.94
C PRO A 75 1.54 4.69 3.79
N PRO A 76 1.07 4.77 2.56
CA PRO A 76 1.96 4.49 1.43
C PRO A 76 3.03 5.57 1.33
N SER A 77 4.21 5.19 0.85
CA SER A 77 5.29 6.17 0.73
C SER A 77 4.87 7.26 -0.27
N MET A 78 5.08 8.53 0.12
CA MET A 78 4.41 9.63 -0.57
C MET A 78 5.29 10.87 -0.64
N SER A 79 5.00 11.70 -1.65
CA SER A 79 5.53 13.06 -1.73
C SER A 79 4.38 14.06 -1.67
N GLY A 80 4.66 15.24 -1.12
CA GLY A 80 3.65 16.27 -1.09
C GLY A 80 2.55 16.11 -0.04
N SER A 81 2.75 15.24 0.96
CA SER A 81 1.77 15.11 2.04
C SER A 81 1.81 16.34 2.96
N CYS A 82 0.74 16.49 3.74
CA CYS A 82 0.56 17.64 4.63
C CYS A 82 0.43 17.11 6.05
N ALA A 83 1.37 17.51 6.93
CA ALA A 83 1.47 16.93 8.27
C ALA A 83 1.55 18.02 9.34
N VAL A 84 1.03 17.68 10.53
CA VAL A 84 1.06 18.54 11.70
C VAL A 84 1.50 17.72 12.92
N CYS A 85 1.98 18.42 13.94
CA CYS A 85 2.31 17.83 15.23
C CYS A 85 1.53 18.58 16.31
N VAL A 86 0.54 17.93 16.90
CA VAL A 86 -0.25 18.52 17.97
C VAL A 86 -0.11 17.65 19.21
N ASP A 87 0.33 18.24 20.32
CA ASP A 87 0.47 17.52 21.59
C ASP A 87 1.27 16.23 21.41
N ARG A 88 2.31 16.30 20.58
CA ARG A 88 3.19 15.17 20.26
C ARG A 88 2.45 14.01 19.60
N VAL A 89 1.28 14.26 19.03
CA VAL A 89 0.62 13.32 18.13
C VAL A 89 0.63 13.92 16.74
N LEU A 90 0.97 13.09 15.75
CA LEU A 90 1.18 13.51 14.38
C LEU A 90 -0.04 13.19 13.54
N TYR A 91 -0.44 14.12 12.68
CA TYR A 91 -1.53 13.89 11.74
C TYR A 91 -1.02 14.07 10.32
N LEU A 92 -1.43 13.16 9.43
CA LEU A 92 -0.97 13.20 8.04
C LEU A 92 -2.16 13.11 7.09
N PHE A 93 -2.26 14.06 6.18
CA PHE A 93 -3.31 14.11 5.16
C PHE A 93 -2.70 14.18 3.77
N GLY A 94 -3.29 13.44 2.82
CA GLY A 94 -2.94 13.65 1.42
C GLY A 94 -1.54 13.18 1.05
N GLY A 95 -1.14 13.57 -0.17
CA GLY A 95 0.12 13.18 -0.75
C GLY A 95 -0.05 12.46 -2.08
N HIS A 96 1.08 12.14 -2.69
CA HIS A 96 1.14 11.44 -3.97
C HIS A 96 1.97 10.18 -3.80
N HIS A 97 1.36 9.01 -4.03
CA HIS A 97 2.07 7.74 -3.98
C HIS A 97 2.12 7.12 -5.39
N SER A 98 2.72 5.95 -5.47
CA SER A 98 3.06 5.35 -6.77
C SER A 98 1.84 5.10 -7.66
N ARG A 99 0.66 4.97 -7.07
CA ARG A 99 -0.58 4.88 -7.82
C ARG A 99 -1.38 6.19 -7.79
N GLY A 100 -0.79 7.30 -7.36
CA GLY A 100 -1.45 8.59 -7.48
C GLY A 100 -1.75 9.32 -6.19
N ASN A 101 -2.65 10.31 -6.25
CA ASN A 101 -3.01 11.13 -5.11
C ASN A 101 -4.00 10.42 -4.19
N THR A 102 -4.05 10.88 -2.94
CA THR A 102 -4.93 10.31 -1.94
C THR A 102 -5.56 11.41 -1.12
N ASN A 103 -6.71 11.09 -0.50
CA ASN A 103 -7.30 11.97 0.50
C ASN A 103 -7.44 11.26 1.85
N LYS A 104 -6.66 10.22 2.09
CA LYS A 104 -6.72 9.51 3.35
C LYS A 104 -6.07 10.30 4.47
N PHE A 105 -6.51 10.00 5.70
CA PHE A 105 -6.07 10.67 6.92
C PHE A 105 -5.51 9.64 7.88
N TYR A 106 -4.31 9.92 8.40
CA TYR A 106 -3.58 9.04 9.29
C TYR A 106 -3.18 9.82 10.54
N MET A 107 -3.02 9.11 11.66
CA MET A 107 -2.45 9.70 12.86
C MET A 107 -1.41 8.75 13.43
N LEU A 108 -0.40 9.33 14.07
CA LEU A 108 0.69 8.57 14.68
C LEU A 108 0.97 9.18 16.05
N ASP A 109 0.65 8.44 17.11
CA ASP A 109 0.90 8.90 18.47
C ASP A 109 2.39 8.70 18.79
N SER A 110 3.10 9.81 18.99
CA SER A 110 4.52 9.79 19.33
C SER A 110 4.77 10.12 20.80
N ARG A 111 3.84 9.73 21.68
CA ARG A 111 4.03 9.95 23.12
C ARG A 111 4.74 8.77 23.77
N SER A 112 4.16 7.58 23.68
CA SER A 112 4.72 6.40 24.33
C SER A 112 5.98 5.90 23.62
N ARG A 115 6.84 1.73 23.58
CA ARG A 115 6.09 0.86 22.68
C ARG A 115 6.36 1.22 21.22
N VAL A 116 6.25 0.24 20.33
CA VAL A 116 6.44 0.47 18.90
C VAL A 116 5.29 1.30 18.36
N LEU A 117 5.62 2.41 17.70
CA LEU A 117 4.60 3.34 17.24
C LEU A 117 3.73 2.71 16.16
N GLN A 118 2.43 3.00 16.21
CA GLN A 118 1.46 2.43 15.29
C GLN A 118 0.76 3.56 14.55
N TRP A 119 0.90 3.57 13.22
CA TRP A 119 0.04 4.43 12.42
C TRP A 119 -1.41 3.96 12.52
N GLU A 120 -2.33 4.92 12.48
CA GLU A 120 -3.76 4.64 12.46
C GLU A 120 -4.39 5.39 11.31
N ARG A 121 -4.96 4.67 10.34
CA ARG A 121 -5.80 5.33 9.35
C ARG A 121 -7.13 5.66 10.00
N ILE A 122 -7.57 6.91 9.89
CA ILE A 122 -8.80 7.34 10.52
C ILE A 122 -9.90 7.36 9.48
N ASP A 123 -10.94 6.57 9.71
CA ASP A 123 -12.18 6.64 8.94
C ASP A 123 -12.95 7.85 9.45
N CYS A 124 -12.78 8.98 8.77
CA CYS A 124 -13.41 10.23 9.18
C CYS A 124 -14.86 10.27 8.73
N GLN A 125 -15.65 11.07 9.44
CA GLN A 125 -17.02 11.34 9.03
C GLN A 125 -17.05 12.63 8.19
N GLY A 126 -18.14 12.79 7.43
CA GLY A 126 -18.29 13.95 6.57
C GLY A 126 -17.68 13.74 5.19
N ILE A 127 -17.74 14.79 4.39
CA ILE A 127 -17.25 14.77 3.01
C ILE A 127 -15.78 15.17 3.03
N PRO A 128 -14.86 14.27 2.70
CA PRO A 128 -13.44 14.61 2.76
C PRO A 128 -13.07 15.54 1.62
N PRO A 129 -11.89 16.14 1.67
CA PRO A 129 -11.42 16.94 0.53
C PRO A 129 -11.09 16.02 -0.63
N SER A 130 -10.94 16.62 -1.81
CA SER A 130 -10.49 15.84 -2.95
C SER A 130 -9.09 15.31 -2.70
N SER A 131 -8.72 14.26 -3.43
CA SER A 131 -7.38 13.70 -3.33
C SER A 131 -6.38 14.63 -4.00
N LYS A 132 -5.32 14.99 -3.27
CA LYS A 132 -4.44 16.10 -3.66
C LYS A 132 -3.16 16.05 -2.82
N ASP A 133 -2.24 16.96 -3.14
CA ASP A 133 -0.95 17.10 -2.47
C ASP A 133 -0.51 18.57 -2.52
N LYS A 134 0.66 18.86 -1.92
CA LYS A 134 1.29 20.18 -1.99
C LYS A 134 0.30 21.29 -1.58
N LEU A 135 -0.29 21.10 -0.41
CA LEU A 135 -1.24 22.03 0.18
C LEU A 135 -0.63 22.57 1.48
N GLY A 136 -1.46 23.22 2.29
CA GLY A 136 -1.02 23.72 3.58
C GLY A 136 -2.13 23.59 4.61
N VAL A 137 -1.73 23.68 5.88
CA VAL A 137 -2.67 23.50 6.98
C VAL A 137 -2.40 24.53 8.07
N TRP A 138 -3.48 24.93 8.77
CA TRP A 138 -3.40 25.75 9.97
C TRP A 138 -4.01 24.98 11.14
N VAL A 139 -3.31 24.97 12.28
CA VAL A 139 -3.82 24.39 13.51
C VAL A 139 -4.45 25.50 14.35
N TYR A 140 -5.70 25.29 14.79
CA TYR A 140 -6.33 26.28 15.68
C TYR A 140 -7.28 25.55 16.63
N LYS A 141 -6.82 25.35 17.87
CA LYS A 141 -7.59 24.68 18.93
C LYS A 141 -7.85 23.24 18.49
N ASN A 142 -9.09 22.79 18.39
CA ASN A 142 -9.42 21.43 17.99
C ASN A 142 -9.47 21.24 16.47
N LYS A 143 -9.30 22.30 15.69
CA LYS A 143 -9.51 22.25 14.25
C LYS A 143 -8.18 22.18 13.51
N LEU A 144 -8.10 21.26 12.55
CA LEU A 144 -7.05 21.27 11.54
C LEU A 144 -7.68 21.79 10.24
N ILE A 145 -7.16 22.91 9.75
CA ILE A 145 -7.75 23.64 8.63
C ILE A 145 -6.81 23.56 7.44
N PHE A 146 -7.26 22.91 6.36
CA PHE A 146 -6.45 22.68 5.17
C PHE A 146 -6.88 23.61 4.04
N PHE A 147 -5.91 24.12 3.27
CA PHE A 147 -6.20 25.07 2.19
C PHE A 147 -5.40 24.73 0.94
N GLY A 148 -6.09 24.75 -0.21
CA GLY A 148 -5.46 24.65 -1.52
C GLY A 148 -4.96 23.25 -1.87
N GLY A 149 -4.16 23.18 -2.93
CA GLY A 149 -3.50 21.95 -3.31
C GLY A 149 -3.69 21.59 -4.77
N TYR A 150 -3.13 20.43 -5.13
CA TYR A 150 -3.10 19.95 -6.51
C TYR A 150 -3.48 18.48 -6.52
N GLY A 151 -4.47 18.13 -7.33
CA GLY A 151 -4.90 16.74 -7.45
C GLY A 151 -6.07 16.61 -8.38
N TYR A 152 -6.79 15.50 -8.22
CA TYR A 152 -7.87 15.12 -9.13
C TYR A 152 -9.10 16.01 -8.96
N LEU A 153 -9.94 16.00 -9.99
CA LEU A 153 -11.22 16.70 -9.91
C LEU A 153 -12.04 16.11 -8.76
N PRO A 154 -12.66 16.95 -7.92
CA PRO A 154 -13.43 16.41 -6.79
C PRO A 154 -14.59 15.55 -7.27
N GLU A 155 -14.89 14.50 -6.50
CA GLU A 155 -15.90 13.53 -6.91
C GLU A 155 -17.27 14.18 -7.08
N ASP A 156 -17.54 15.22 -6.30
CA ASP A 156 -18.75 16.03 -6.43
C ASP A 156 -18.39 17.48 -6.12
N LYS A 157 -19.31 18.39 -6.46
CA LYS A 157 -19.06 19.81 -6.28
C LYS A 157 -18.72 20.13 -4.83
N VAL A 158 -17.69 20.96 -4.66
CA VAL A 158 -17.14 21.32 -3.36
C VAL A 158 -17.10 22.84 -3.28
N LEU A 159 -17.45 23.40 -2.12
CA LEU A 159 -17.41 24.84 -1.92
C LEU A 159 -16.04 25.42 -2.27
N GLY A 160 -15.98 26.23 -3.33
CA GLY A 160 -14.73 26.76 -3.84
C GLY A 160 -14.65 26.57 -5.33
N THR A 161 -13.42 26.60 -5.86
CA THR A 161 -13.18 26.43 -7.29
C THR A 161 -12.03 25.45 -7.52
N PHE A 162 -12.17 24.66 -8.57
CA PHE A 162 -11.12 23.78 -9.06
C PHE A 162 -10.78 24.20 -10.48
N GLU A 163 -9.48 24.31 -10.78
CA GLU A 163 -9.00 24.79 -12.08
C GLU A 163 -8.00 23.78 -12.66
N PHE A 164 -8.36 23.18 -13.78
CA PHE A 164 -7.56 22.11 -14.36
C PHE A 164 -6.20 22.62 -14.85
N ASP A 165 -5.20 21.74 -14.76
CA ASP A 165 -3.88 21.96 -15.33
C ASP A 165 -3.85 21.30 -16.70
N GLU A 166 -3.63 22.11 -17.74
CA GLU A 166 -3.74 21.63 -19.11
C GLU A 166 -2.72 20.52 -19.41
N THR A 167 -1.49 20.68 -18.92
CA THR A 167 -0.42 19.75 -19.25
C THR A 167 -0.68 18.34 -18.72
N SER A 168 -1.52 18.20 -17.69
CA SER A 168 -1.75 16.89 -17.07
C SER A 168 -2.64 15.98 -17.90
N PHE A 169 -3.42 16.54 -18.84
CA PHE A 169 -4.35 15.72 -19.61
C PHE A 169 -3.62 14.73 -20.51
N TRP A 170 -2.59 15.19 -21.20
CA TRP A 170 -1.87 14.33 -22.13
C TRP A 170 -0.75 13.55 -21.46
N ASN A 171 -0.25 14.03 -20.32
CA ASN A 171 0.84 13.34 -19.64
C ASN A 171 0.36 12.06 -18.96
N SER A 172 -0.77 12.13 -18.25
CA SER A 172 -1.20 11.02 -17.40
C SER A 172 -2.64 10.61 -17.73
N SER A 173 -3.00 9.44 -17.21
CA SER A 173 -4.36 8.92 -17.41
C SER A 173 -5.39 9.82 -16.74
N HIS A 174 -5.09 10.30 -15.52
CA HIS A 174 -6.01 11.16 -14.79
C HIS A 174 -5.47 12.58 -14.76
N PRO A 175 -6.17 13.54 -15.34
CA PRO A 175 -5.73 14.94 -15.24
C PRO A 175 -5.89 15.45 -13.82
N ARG A 176 -5.23 16.57 -13.54
CA ARG A 176 -5.20 17.16 -12.21
C ARG A 176 -5.29 18.68 -12.34
N GLY A 177 -5.43 19.35 -11.19
CA GLY A 177 -5.57 20.79 -11.18
C GLY A 177 -5.49 21.36 -9.77
N TRP A 178 -5.50 22.70 -9.72
CA TRP A 178 -5.37 23.44 -8.46
C TRP A 178 -6.73 23.83 -7.92
N ASN A 179 -6.80 23.97 -6.60
CA ASN A 179 -8.04 24.28 -5.92
C ASN A 179 -7.78 25.30 -4.82
N ASP A 180 -8.85 26.01 -4.44
CA ASP A 180 -8.82 26.97 -3.35
C ASP A 180 -9.70 26.53 -2.19
N HIS A 181 -9.90 25.22 -2.06
CA HIS A 181 -10.82 24.72 -1.04
C HIS A 181 -10.26 24.94 0.35
N VAL A 182 -11.16 25.23 1.29
CA VAL A 182 -10.87 25.28 2.72
C VAL A 182 -11.68 24.16 3.38
N HIS A 183 -10.99 23.24 4.05
CA HIS A 183 -11.64 22.14 4.75
C HIS A 183 -11.21 22.14 6.21
N ILE A 184 -12.12 21.69 7.07
CA ILE A 184 -11.88 21.58 8.50
C ILE A 184 -12.03 20.13 8.91
N LEU A 185 -10.99 19.58 9.54
CA LEU A 185 -11.07 18.31 10.25
C LEU A 185 -11.13 18.65 11.74
N ASP A 186 -12.28 18.39 12.33
CA ASP A 186 -12.50 18.67 13.76
C ASP A 186 -12.04 17.44 14.54
N THR A 187 -10.93 17.58 15.27
CA THR A 187 -10.37 16.44 15.99
C THR A 187 -11.22 15.99 17.18
N GLU A 188 -12.28 16.71 17.52
CA GLU A 188 -13.15 16.23 18.60
C GLU A 188 -13.95 15.00 18.14
N THR A 189 -14.32 14.94 16.86
CA THR A 189 -15.10 13.85 16.30
C THR A 189 -14.56 13.32 14.98
N PHE A 190 -13.47 13.89 14.48
CA PHE A 190 -12.90 13.53 13.17
C PHE A 190 -13.94 13.64 12.06
N THR A 191 -14.60 14.79 12.01
CA THR A 191 -15.61 15.06 11.00
C THR A 191 -15.14 16.18 10.07
N TRP A 192 -15.14 15.91 8.77
CA TRP A 192 -14.85 16.93 7.77
C TRP A 192 -16.03 17.91 7.66
N SER A 193 -15.70 19.15 7.28
CA SER A 193 -16.69 20.17 6.95
C SER A 193 -15.97 21.29 6.22
N GLN A 194 -16.76 22.20 5.65
CA GLN A 194 -16.25 23.36 4.94
C GLN A 194 -16.87 24.61 5.54
N PRO A 195 -16.09 25.53 6.09
CA PRO A 195 -16.68 26.77 6.63
C PRO A 195 -17.22 27.65 5.53
N ILE A 196 -18.21 28.46 5.88
CA ILE A 196 -18.71 29.49 4.97
C ILE A 196 -17.80 30.70 5.16
N THR A 197 -16.91 30.92 4.21
CA THR A 197 -15.96 32.03 4.31
C THR A 197 -16.54 33.28 3.66
N THR A 198 -16.11 34.43 4.16
CA THR A 198 -16.35 35.72 3.51
C THR A 198 -15.02 36.34 3.08
N GLY A 199 -15.10 37.47 2.40
CA GLY A 199 -13.92 38.08 1.81
C GLY A 199 -13.53 37.41 0.51
N LYS A 200 -12.41 37.87 -0.04
CA LYS A 200 -11.90 37.38 -1.32
C LYS A 200 -10.80 36.36 -1.04
N ALA A 201 -11.10 35.10 -1.32
CA ALA A 201 -10.13 34.04 -1.07
C ALA A 201 -9.00 34.14 -2.08
N PRO A 202 -7.81 33.65 -1.74
CA PRO A 202 -6.73 33.59 -2.73
C PRO A 202 -7.11 32.64 -3.85
N SER A 203 -6.47 32.83 -5.01
CA SER A 203 -6.72 31.97 -6.15
C SER A 203 -6.36 30.53 -5.80
N PRO A 204 -6.93 29.55 -6.51
CA PRO A 204 -6.48 28.17 -6.36
C PRO A 204 -4.98 28.08 -6.57
N ARG A 205 -4.31 27.24 -5.79
CA ARG A 205 -2.86 27.19 -5.84
C ARG A 205 -2.36 25.93 -5.15
N ALA A 206 -1.10 25.59 -5.43
CA ALA A 206 -0.40 24.55 -4.72
C ALA A 206 1.05 24.99 -4.52
N ALA A 207 1.73 24.31 -3.61
CA ALA A 207 3.11 24.63 -3.23
C ALA A 207 3.24 26.03 -2.63
N HIS A 208 2.11 26.58 -2.18
CA HIS A 208 2.10 27.73 -1.28
C HIS A 208 2.69 27.34 0.08
N ALA A 209 2.86 28.33 0.94
CA ALA A 209 3.27 28.06 2.31
C ALA A 209 2.26 28.66 3.27
N CYS A 210 1.87 27.89 4.27
CA CYS A 210 0.89 28.29 5.27
C CYS A 210 1.59 28.46 6.62
N ALA A 211 1.11 29.43 7.41
CA ALA A 211 1.63 29.68 8.75
C ALA A 211 0.54 30.25 9.65
N THR A 212 0.51 29.80 10.92
CA THR A 212 -0.53 30.20 11.88
C THR A 212 0.06 31.02 13.02
N VAL A 213 -0.51 32.20 13.26
CA VAL A 213 -0.21 32.98 14.46
C VAL A 213 -1.52 33.38 15.10
N GLY A 214 -1.70 33.04 16.37
CA GLY A 214 -2.96 33.32 17.04
C GLY A 214 -4.09 32.72 16.22
N ASN A 215 -5.12 33.53 15.95
CA ASN A 215 -6.25 33.11 15.14
C ASN A 215 -6.12 33.54 13.67
N ARG A 216 -4.91 33.83 13.21
CA ARG A 216 -4.70 34.25 11.82
C ARG A 216 -3.96 33.16 11.05
N GLY A 217 -4.60 32.64 10.00
CA GLY A 217 -3.96 31.64 9.17
C GLY A 217 -3.36 32.25 7.92
N PHE A 218 -2.05 32.49 7.93
CA PHE A 218 -1.41 33.19 6.83
C PHE A 218 -1.08 32.21 5.69
N VAL A 219 -1.14 32.72 4.47
CA VAL A 219 -0.67 31.99 3.30
C VAL A 219 0.08 32.94 2.37
N PHE A 220 1.26 32.51 1.91
CA PHE A 220 2.08 33.29 1.00
C PHE A 220 2.44 32.48 -0.23
N GLY A 221 2.37 33.14 -1.40
CA GLY A 221 2.90 32.56 -2.64
C GLY A 221 2.12 31.35 -3.16
N GLY A 222 2.81 30.56 -3.98
CA GLY A 222 2.20 29.38 -4.60
C GLY A 222 2.21 29.41 -6.12
N ARG A 223 2.02 28.24 -6.71
CA ARG A 223 1.92 28.08 -8.16
C ARG A 223 0.47 28.08 -8.58
N TYR A 224 0.16 28.81 -9.65
CA TYR A 224 -1.17 28.79 -10.23
C TYR A 224 -1.06 29.20 -11.69
N ARG A 225 -1.73 28.44 -12.57
CA ARG A 225 -1.64 28.62 -14.00
C ARG A 225 -0.17 28.62 -14.43
N ASP A 226 0.31 29.72 -15.00
CA ASP A 226 1.70 29.83 -15.42
C ASP A 226 2.50 30.79 -14.56
N ALA A 227 2.08 31.00 -13.31
CA ALA A 227 2.74 31.95 -12.43
C ALA A 227 3.04 31.33 -11.08
N ARG A 228 4.15 31.77 -10.48
CA ARG A 228 4.46 31.51 -9.09
C ARG A 228 4.40 32.85 -8.36
N MET A 229 3.46 32.96 -7.44
CA MET A 229 2.87 34.23 -7.02
C MET A 229 3.58 34.79 -5.79
N ASN A 230 3.31 36.08 -5.53
CA ASN A 230 3.95 36.81 -4.44
C ASN A 230 2.95 37.44 -3.47
N ASP A 231 1.67 37.08 -3.55
CA ASP A 231 0.65 37.69 -2.71
C ASP A 231 0.64 37.06 -1.31
N LEU A 232 0.15 37.85 -0.36
CA LEU A 232 0.05 37.43 1.03
C LEU A 232 -1.39 37.64 1.49
N HIS A 233 -1.97 36.62 2.12
CA HIS A 233 -3.32 36.69 2.66
C HIS A 233 -3.37 35.97 4.00
N TYR A 234 -4.36 36.32 4.83
CA TYR A 234 -4.66 35.52 6.00
C TYR A 234 -6.16 35.28 6.11
N LEU A 235 -6.51 34.11 6.64
CA LEU A 235 -7.89 33.76 6.97
C LEU A 235 -8.08 33.91 8.47
N ASN A 236 -9.02 34.76 8.89
CA ASN A 236 -9.37 34.82 10.31
C ASN A 236 -9.99 33.51 10.72
N LEU A 237 -9.34 32.81 11.64
CA LEU A 237 -9.79 31.48 12.01
C LEU A 237 -10.90 31.52 13.06
N ASP A 238 -11.35 32.72 13.45
CA ASP A 238 -12.51 32.91 14.33
C ASP A 238 -13.75 33.42 13.61
N THR A 239 -13.59 34.14 12.50
CA THR A 239 -14.73 34.61 11.73
C THR A 239 -14.79 34.08 10.31
N TRP A 240 -13.76 33.37 9.85
CA TRP A 240 -13.69 32.82 8.49
C TRP A 240 -13.72 33.92 7.43
N GLU A 241 -13.04 35.02 7.73
CA GLU A 241 -12.95 36.15 6.82
C GLU A 241 -11.56 36.23 6.22
N TRP A 242 -11.50 36.31 4.89
CA TRP A 242 -10.23 36.41 4.17
C TRP A 242 -9.83 37.89 4.06
N ASN A 243 -8.56 38.18 4.36
CA ASN A 243 -8.00 39.50 4.20
C ASN A 243 -6.73 39.41 3.37
N GLU A 244 -6.51 40.39 2.50
CA GLU A 244 -5.28 40.48 1.73
C GLU A 244 -4.37 41.51 2.38
N LEU A 245 -3.10 41.15 2.53
CA LEU A 245 -2.09 42.03 3.08
C LEU A 245 -1.27 42.65 1.96
N ILE A 246 -1.09 43.97 2.01
CA ILE A 246 -0.31 44.69 1.00
C ILE A 246 0.81 45.43 1.72
N PRO A 247 1.94 44.78 1.96
CA PRO A 247 3.01 45.43 2.72
C PRO A 247 3.61 46.61 1.97
N GLN A 248 4.10 47.57 2.74
CA GLN A 248 4.68 48.78 2.19
C GLN A 248 6.14 48.55 1.85
N GLY A 249 6.57 49.02 0.67
CA GLY A 249 7.95 48.88 0.26
C GLY A 249 8.27 47.59 -0.47
N ILE A 250 9.51 47.12 -0.33
CA ILE A 250 10.01 45.98 -1.09
C ILE A 250 9.45 44.69 -0.53
N CYS A 251 9.03 43.79 -1.42
CA CYS A 251 8.45 42.50 -1.08
C CYS A 251 9.25 41.37 -1.73
N PRO A 252 9.15 40.15 -1.18
CA PRO A 252 9.87 39.01 -1.80
C PRO A 252 9.33 38.66 -3.17
N VAL A 253 10.23 38.16 -4.03
CA VAL A 253 9.82 37.70 -5.36
C VAL A 253 8.84 36.53 -5.23
N GLY A 254 7.88 36.47 -6.15
CA GLY A 254 6.92 35.37 -6.15
C GLY A 254 7.60 34.03 -6.31
N ARG A 255 7.01 33.01 -5.69
CA ARG A 255 7.69 31.72 -5.56
C ARG A 255 6.69 30.65 -5.13
N SER A 256 7.10 29.40 -5.36
CA SER A 256 6.46 28.22 -4.78
C SER A 256 7.54 27.36 -4.15
N TRP A 257 7.11 26.28 -3.49
CA TRP A 257 8.02 25.30 -2.89
C TRP A 257 8.95 25.90 -1.83
N HIS A 258 8.50 26.98 -1.20
CA HIS A 258 9.20 27.71 -0.15
C HIS A 258 8.60 27.38 1.22
N SER A 259 9.32 27.74 2.27
CA SER A 259 8.87 27.52 3.65
C SER A 259 8.49 28.84 4.31
N LEU A 260 7.45 28.80 5.16
CA LEU A 260 6.97 29.97 5.89
C LEU A 260 6.68 29.55 7.34
N THR A 261 7.47 30.06 8.28
CA THR A 261 7.51 29.54 9.64
C THR A 261 7.30 30.64 10.67
N PRO A 262 6.31 30.54 11.55
CA PRO A 262 6.24 31.51 12.66
C PRO A 262 7.47 31.37 13.54
N VAL A 263 8.09 32.51 13.87
CA VAL A 263 9.20 32.49 14.81
C VAL A 263 8.89 33.20 16.11
N SER A 264 7.74 33.87 16.21
CA SER A 264 7.33 34.60 17.39
C SER A 264 5.89 35.03 17.17
N SER A 265 5.34 35.76 18.15
CA SER A 265 3.98 36.25 17.99
C SER A 265 3.86 37.28 16.89
N ASP A 266 4.99 37.80 16.38
CA ASP A 266 4.98 38.95 15.48
C ASP A 266 5.84 38.77 14.23
N HIS A 267 6.37 37.56 13.96
CA HIS A 267 7.29 37.41 12.83
C HIS A 267 7.15 36.03 12.18
N LEU A 268 7.03 36.01 10.86
CA LEU A 268 7.06 34.81 10.05
C LEU A 268 8.37 34.73 9.29
N PHE A 269 8.96 33.55 9.24
CA PHE A 269 10.24 33.35 8.56
C PHE A 269 10.03 32.64 7.22
N LEU A 270 10.58 33.22 6.15
CA LEU A 270 10.42 32.75 4.78
C LEU A 270 11.77 32.31 4.24
N PHE A 271 11.84 31.15 3.60
CA PHE A 271 13.11 30.76 3.00
C PHE A 271 12.93 29.92 1.75
N GLY A 272 13.72 30.23 0.72
CA GLY A 272 13.90 29.33 -0.40
C GLY A 272 12.76 29.38 -1.42
N GLY A 273 12.73 28.34 -2.25
CA GLY A 273 11.65 28.21 -3.20
C GLY A 273 12.08 28.37 -4.64
N PHE A 274 11.13 28.69 -5.52
CA PHE A 274 11.30 28.49 -6.96
C PHE A 274 10.48 29.56 -7.68
N THR A 275 11.15 30.41 -8.47
CA THR A 275 10.47 31.53 -9.11
C THR A 275 9.71 31.10 -10.36
N THR A 276 8.91 32.04 -10.88
CA THR A 276 8.17 31.82 -12.12
C THR A 276 9.12 31.49 -13.27
N ASP A 277 10.27 32.15 -13.33
CA ASP A 277 11.30 31.90 -14.32
C ASP A 277 12.22 30.73 -13.96
N LYS A 278 11.80 29.89 -13.01
CA LYS A 278 12.48 28.62 -12.69
C LYS A 278 13.89 28.85 -12.13
N GLN A 279 14.02 29.85 -11.26
CA GLN A 279 15.28 30.09 -10.56
C GLN A 279 15.18 29.57 -9.13
N PRO A 280 16.04 28.64 -8.70
CA PRO A 280 16.05 28.25 -7.28
C PRO A 280 16.51 29.41 -6.41
N LEU A 281 15.88 29.54 -5.23
CA LEU A 281 16.05 30.69 -4.35
C LEU A 281 16.78 30.33 -3.06
N SER A 282 17.64 31.25 -2.61
CA SER A 282 18.35 31.12 -1.35
C SER A 282 18.13 32.32 -0.43
N ASP A 283 17.25 33.25 -0.78
CA ASP A 283 17.00 34.39 0.07
C ASP A 283 16.16 33.99 1.28
N ALA A 284 16.26 34.79 2.35
CA ALA A 284 15.48 34.62 3.56
C ALA A 284 14.93 35.97 4.00
N TRP A 285 13.69 35.97 4.50
CA TRP A 285 13.02 37.18 4.94
C TRP A 285 12.26 36.91 6.24
N THR A 286 12.00 37.97 6.98
CA THR A 286 11.02 37.96 8.07
C THR A 286 9.90 38.91 7.71
N TYR A 287 8.66 38.46 7.91
CA TYR A 287 7.49 39.33 7.73
C TYR A 287 7.02 39.80 9.10
N CYS A 288 7.07 41.10 9.32
CA CYS A 288 6.65 41.67 10.59
C CYS A 288 5.14 41.93 10.53
N ILE A 289 4.38 41.19 11.34
CA ILE A 289 2.92 41.31 11.33
C ILE A 289 2.49 42.68 11.82
N SER A 290 3.05 43.11 12.96
CA SER A 290 2.60 44.38 13.54
C SER A 290 2.86 45.55 12.60
N LYS A 291 4.02 45.54 11.91
CA LYS A 291 4.37 46.63 11.00
C LYS A 291 3.93 46.40 9.56
N ASN A 292 3.48 45.20 9.21
CA ASN A 292 3.09 44.85 7.85
C ASN A 292 4.22 45.15 6.87
N GLU A 293 5.41 44.65 7.23
CA GLU A 293 6.62 44.95 6.48
C GLU A 293 7.49 43.70 6.37
N TRP A 294 8.17 43.58 5.24
CA TRP A 294 9.15 42.51 5.03
C TRP A 294 10.54 43.04 5.30
N ILE A 295 11.38 42.22 5.93
CA ILE A 295 12.77 42.53 6.24
C ILE A 295 13.62 41.36 5.72
N GLN A 296 14.57 41.65 4.83
CA GLN A 296 15.42 40.60 4.28
C GLN A 296 16.47 40.19 5.31
N PHE A 297 16.76 38.89 5.37
CA PHE A 297 17.52 38.27 6.45
C PHE A 297 18.86 37.79 5.92
N ASN A 298 19.94 38.26 6.52
CA ASN A 298 21.27 37.83 6.11
C ASN A 298 21.63 36.51 6.79
N HIS A 299 22.29 35.64 6.03
CA HIS A 299 22.57 34.28 6.49
C HIS A 299 23.74 33.75 5.66
N PRO A 300 24.39 32.69 6.12
CA PRO A 300 25.54 32.14 5.39
C PRO A 300 25.21 31.13 4.29
N TYR A 301 23.93 30.87 4.02
CA TYR A 301 23.54 29.83 3.06
C TYR A 301 23.11 30.42 1.72
N THR A 302 23.74 31.51 1.28
CA THR A 302 23.37 32.11 0.00
C THR A 302 23.65 31.17 -1.16
N GLU A 303 24.63 30.28 -1.01
CA GLU A 303 24.96 29.32 -2.06
C GLU A 303 24.24 27.98 -1.88
N LYS A 304 23.21 27.94 -1.03
CA LYS A 304 22.43 26.72 -0.79
C LYS A 304 20.94 26.99 -0.99
N PRO A 305 20.52 27.34 -2.21
CA PRO A 305 19.09 27.43 -2.48
C PRO A 305 18.41 26.07 -2.31
N ARG A 306 17.19 26.09 -1.78
CA ARG A 306 16.40 24.87 -1.61
C ARG A 306 14.96 25.14 -2.03
N LEU A 307 14.33 24.11 -2.55
CA LEU A 307 12.91 24.15 -2.84
C LEU A 307 12.32 22.78 -2.54
N TRP A 308 11.10 22.78 -2.01
CA TRP A 308 10.41 21.57 -1.54
C TRP A 308 11.16 20.94 -0.36
N HIS A 309 11.90 21.76 0.36
CA HIS A 309 12.44 21.41 1.65
C HIS A 309 11.34 21.56 2.72
N THR A 310 11.70 21.30 3.97
CA THR A 310 10.82 21.60 5.11
C THR A 310 11.54 22.55 6.07
N ALA A 311 10.77 23.21 6.92
CA ALA A 311 11.36 24.11 7.92
C ALA A 311 10.53 24.05 9.20
N CYS A 312 11.23 23.91 10.33
CA CYS A 312 10.62 23.83 11.66
C CYS A 312 11.33 24.75 12.63
N ALA A 313 10.55 25.41 13.49
CA ALA A 313 11.06 26.30 14.52
C ALA A 313 11.38 25.54 15.81
N SER A 314 12.51 25.88 16.41
CA SER A 314 12.92 25.34 17.70
C SER A 314 12.56 26.31 18.83
N ASP A 315 12.56 25.79 20.05
CA ASP A 315 12.28 26.61 21.23
C ASP A 315 13.38 27.62 21.52
N GLU A 316 14.53 27.52 20.86
CA GLU A 316 15.65 28.42 21.09
C GLU A 316 15.70 29.55 20.08
N GLY A 317 14.62 29.77 19.34
CA GLY A 317 14.58 30.86 18.37
C GLY A 317 15.23 30.57 17.04
N GLU A 318 15.44 29.30 16.70
CA GLU A 318 16.05 28.92 15.43
C GLU A 318 15.03 28.25 14.52
N VAL A 319 15.34 28.23 13.23
CA VAL A 319 14.56 27.51 12.23
C VAL A 319 15.44 26.43 11.62
N ILE A 320 14.94 25.20 11.61
CA ILE A 320 15.67 24.02 11.14
C ILE A 320 15.11 23.66 9.77
N VAL A 321 15.94 23.77 8.73
CA VAL A 321 15.56 23.42 7.36
C VAL A 321 16.23 22.10 6.99
N PHE A 322 15.47 21.20 6.36
CA PHE A 322 16.00 19.91 5.97
C PHE A 322 15.49 19.49 4.60
N GLY A 323 16.37 18.81 3.85
CA GLY A 323 15.99 18.22 2.59
C GLY A 323 15.76 19.26 1.50
N GLY A 324 14.93 18.89 0.54
CA GLY A 324 14.64 19.74 -0.60
C GLY A 324 15.75 19.66 -1.64
N CYS A 325 15.48 20.27 -2.77
CA CYS A 325 16.33 20.17 -3.94
C CYS A 325 17.05 21.50 -4.17
N ALA A 326 18.31 21.42 -4.62
CA ALA A 326 19.13 22.61 -4.78
C ALA A 326 19.00 23.24 -6.16
N ASN A 327 18.35 22.58 -7.11
CA ASN A 327 18.19 23.11 -8.46
C ASN A 327 16.77 22.79 -8.92
N ASN A 328 16.53 22.85 -10.23
CA ASN A 328 15.20 22.59 -10.77
C ASN A 328 14.93 21.09 -10.71
N LEU A 329 14.15 20.67 -9.70
CA LEU A 329 13.83 19.26 -9.53
C LEU A 329 12.98 18.69 -10.67
N LEU A 330 12.37 19.55 -11.49
CA LEU A 330 11.62 19.04 -12.64
C LEU A 330 12.50 18.43 -13.71
N VAL A 331 13.82 18.62 -13.65
CA VAL A 331 14.76 17.89 -14.50
C VAL A 331 15.27 16.74 -13.64
N HIS A 332 14.54 15.61 -13.68
CA HIS A 332 14.72 14.58 -12.66
C HIS A 332 16.12 13.99 -12.68
N HIS A 333 16.65 13.72 -13.88
CA HIS A 333 17.97 13.10 -13.98
C HIS A 333 19.11 14.02 -13.58
N ARG A 334 18.86 15.33 -13.45
CA ARG A 334 19.86 16.26 -12.94
C ARG A 334 19.53 16.78 -11.54
N ALA A 335 18.45 16.29 -10.92
CA ALA A 335 18.01 16.84 -9.65
C ALA A 335 19.04 16.59 -8.55
N ALA A 336 19.34 17.64 -7.80
CA ALA A 336 20.29 17.61 -6.68
C ALA A 336 19.50 17.67 -5.38
N HIS A 337 18.98 16.52 -4.95
CA HIS A 337 18.31 16.45 -3.66
C HIS A 337 19.35 16.45 -2.54
N SER A 338 18.94 16.94 -1.38
CA SER A 338 19.86 17.16 -0.28
C SER A 338 19.36 16.49 0.99
N ASN A 339 20.32 16.19 1.87
CA ASN A 339 20.02 15.79 3.25
C ASN A 339 20.70 16.71 4.26
N GLU A 340 21.07 17.93 3.85
CA GLU A 340 21.72 18.86 4.76
C GLU A 340 20.72 19.45 5.74
N ILE A 341 21.22 19.80 6.92
CA ILE A 341 20.48 20.59 7.91
C ILE A 341 21.04 22.01 7.89
N LEU A 342 20.19 22.99 7.61
CA LEU A 342 20.57 24.39 7.65
C LEU A 342 19.88 25.03 8.85
N ILE A 343 20.68 25.64 9.74
CA ILE A 343 20.16 26.28 10.93
C ILE A 343 20.19 27.79 10.74
N PHE A 344 19.03 28.42 10.91
CA PHE A 344 18.89 29.86 10.82
C PHE A 344 18.60 30.40 12.23
N SER A 345 19.45 31.31 12.70
CA SER A 345 19.33 31.89 14.03
C SER A 345 18.57 33.20 13.93
N VAL A 346 17.35 33.23 14.45
CA VAL A 346 16.52 34.43 14.31
C VAL A 346 16.38 35.15 15.66
N CYS B 15 -15.93 -8.23 -18.53
CA CYS B 15 -14.90 -9.26 -18.44
C CYS B 15 -13.75 -8.82 -17.53
N PRO B 16 -13.35 -9.69 -16.61
CA PRO B 16 -12.12 -9.45 -15.84
C PRO B 16 -10.89 -9.56 -16.72
N ALA B 17 -9.85 -8.81 -16.36
CA ALA B 17 -8.61 -8.86 -17.11
C ALA B 17 -7.88 -10.18 -16.86
N GLU B 18 -7.06 -10.57 -17.83
CA GLU B 18 -6.27 -11.78 -17.70
C GLU B 18 -5.25 -11.65 -16.59
N ARG B 19 -4.92 -12.76 -15.95
CA ARG B 19 -4.04 -12.73 -14.79
C ARG B 19 -3.58 -14.14 -14.46
N SER B 20 -2.44 -14.22 -13.78
CA SER B 20 -1.98 -15.42 -13.10
C SER B 20 -1.67 -15.06 -11.65
N GLY B 21 -1.64 -16.07 -10.78
CA GLY B 21 -1.23 -15.82 -9.41
C GLY B 21 -2.26 -15.10 -8.56
N HIS B 22 -3.47 -14.93 -9.08
CA HIS B 22 -4.61 -14.44 -8.33
C HIS B 22 -5.11 -15.52 -7.37
N VAL B 23 -6.05 -15.14 -6.51
CA VAL B 23 -6.80 -16.10 -5.70
C VAL B 23 -8.23 -16.15 -6.20
N ALA B 24 -8.88 -17.27 -5.89
CA ALA B 24 -10.28 -17.49 -6.20
C ALA B 24 -10.84 -18.40 -5.12
N VAL B 25 -11.92 -17.97 -4.49
CA VAL B 25 -12.59 -18.79 -3.50
C VAL B 25 -14.08 -18.78 -3.79
N SER B 26 -14.80 -19.71 -3.16
CA SER B 26 -16.15 -20.01 -3.59
C SER B 26 -16.99 -20.46 -2.42
N ASP B 27 -18.30 -20.23 -2.53
CA ASP B 27 -19.27 -20.83 -1.63
C ASP B 27 -20.12 -21.88 -2.33
N GLY B 28 -19.62 -22.43 -3.45
CA GLY B 28 -20.35 -23.36 -4.27
C GLY B 28 -21.22 -22.73 -5.32
N ARG B 29 -21.53 -21.44 -5.18
CA ARG B 29 -22.41 -20.73 -6.09
C ARG B 29 -21.76 -19.50 -6.71
N HIS B 30 -21.02 -18.73 -5.91
CA HIS B 30 -20.34 -17.51 -6.34
C HIS B 30 -18.85 -17.67 -6.14
N MET B 31 -18.07 -17.18 -7.10
CA MET B 31 -16.61 -17.26 -7.06
C MET B 31 -16.03 -15.86 -6.99
N PHE B 32 -15.16 -15.63 -6.01
CA PHE B 32 -14.59 -14.32 -5.74
C PHE B 32 -13.12 -14.33 -6.12
N VAL B 33 -12.72 -13.40 -6.98
CA VAL B 33 -11.40 -13.38 -7.59
C VAL B 33 -10.73 -12.05 -7.24
N TRP B 34 -9.48 -12.12 -6.77
CA TRP B 34 -8.72 -10.95 -6.36
C TRP B 34 -7.26 -11.12 -6.72
N GLY B 35 -6.60 -10.00 -7.04
CA GLY B 35 -5.16 -10.01 -7.15
C GLY B 35 -4.68 -10.63 -8.45
N GLY B 36 -3.45 -11.15 -8.42
CA GLY B 36 -2.79 -11.64 -9.61
C GLY B 36 -1.99 -10.55 -10.32
N TYR B 37 -1.27 -10.98 -11.35
CA TYR B 37 -0.48 -10.07 -12.17
C TYR B 37 -0.69 -10.42 -13.63
N LYS B 38 -0.19 -9.55 -14.52
CA LYS B 38 -0.21 -9.80 -15.95
C LYS B 38 0.93 -9.03 -16.60
N SER B 39 1.01 -9.11 -17.92
CA SER B 39 1.99 -8.35 -18.70
C SER B 39 1.27 -7.36 -19.60
N ASN B 40 1.76 -6.13 -19.64
CA ASN B 40 1.18 -5.10 -20.50
C ASN B 40 1.76 -5.17 -21.91
N PHE B 48 3.55 -6.09 -12.95
CA PHE B 48 2.29 -5.43 -13.25
C PHE B 48 1.13 -6.13 -12.54
N TYR B 49 0.76 -5.61 -11.38
CA TYR B 49 -0.28 -6.19 -10.54
C TYR B 49 -1.64 -5.58 -10.86
N LEU B 50 -2.68 -6.42 -10.78
CA LEU B 50 -4.02 -5.91 -11.00
C LEU B 50 -4.50 -5.09 -9.80
N PRO B 51 -5.49 -4.21 -10.00
CA PRO B 51 -5.85 -3.26 -8.93
C PRO B 51 -6.25 -3.93 -7.62
N ARG B 52 -5.62 -3.50 -6.54
CA ARG B 52 -5.82 -4.12 -5.24
C ARG B 52 -7.23 -3.93 -4.70
N GLU B 53 -7.94 -2.88 -5.15
CA GLU B 53 -9.26 -2.59 -4.59
C GLU B 53 -10.38 -3.34 -5.28
N GLU B 54 -10.10 -4.08 -6.36
CA GLU B 54 -11.14 -4.73 -7.12
C GLU B 54 -11.41 -6.14 -6.57
N LEU B 55 -12.67 -6.54 -6.63
CA LEU B 55 -13.08 -7.91 -6.30
C LEU B 55 -14.04 -8.36 -7.38
N TRP B 56 -13.67 -9.42 -8.09
CA TRP B 56 -14.47 -9.92 -9.20
C TRP B 56 -15.30 -11.10 -8.71
N ILE B 57 -16.61 -11.03 -8.94
CA ILE B 57 -17.53 -12.07 -8.51
C ILE B 57 -18.15 -12.68 -9.75
N TYR B 58 -17.99 -13.98 -9.89
CA TYR B 58 -18.52 -14.76 -11.01
C TYR B 58 -19.63 -15.64 -10.48
N ASN B 59 -20.78 -15.61 -11.16
CA ASN B 59 -21.90 -16.46 -10.78
C ASN B 59 -21.80 -17.79 -11.51
N MET B 60 -21.65 -18.88 -10.75
CA MET B 60 -21.47 -20.19 -11.37
C MET B 60 -22.74 -20.69 -12.04
N GLU B 61 -23.90 -20.10 -11.74
CA GLU B 61 -25.16 -20.55 -12.32
C GLU B 61 -25.52 -19.79 -13.60
N THR B 62 -25.25 -18.49 -13.63
CA THR B 62 -25.56 -17.68 -14.81
C THR B 62 -24.34 -17.43 -15.70
N GLY B 63 -23.13 -17.61 -15.18
CA GLY B 63 -21.94 -17.36 -15.97
C GLY B 63 -21.63 -15.91 -16.19
N ARG B 64 -22.15 -15.02 -15.36
CA ARG B 64 -21.94 -13.58 -15.51
C ARG B 64 -21.01 -13.06 -14.43
N TRP B 65 -20.18 -12.09 -14.80
CA TRP B 65 -19.25 -11.42 -13.90
C TRP B 65 -19.81 -10.11 -13.37
N LYS B 66 -19.44 -9.78 -12.14
CA LYS B 66 -19.75 -8.49 -11.54
C LYS B 66 -18.52 -7.99 -10.79
N LYS B 67 -18.22 -6.70 -10.94
CA LYS B 67 -17.05 -6.08 -10.30
C LYS B 67 -17.48 -5.19 -9.15
N ILE B 68 -16.73 -5.26 -8.05
CA ILE B 68 -17.01 -4.51 -6.83
C ILE B 68 -15.70 -3.92 -6.33
N ASN B 69 -15.74 -2.68 -5.86
CA ASN B 69 -14.59 -2.01 -5.27
C ASN B 69 -14.68 -2.09 -3.75
N THR B 70 -13.57 -2.45 -3.11
CA THR B 70 -13.51 -2.62 -1.66
C THR B 70 -12.91 -1.39 -0.98
N GLU B 71 -13.03 -1.35 0.34
CA GLU B 71 -12.41 -0.29 1.14
C GLU B 71 -11.77 -0.91 2.37
N GLY B 72 -11.38 -0.07 3.32
CA GLY B 72 -10.77 -0.54 4.55
C GLY B 72 -9.28 -0.75 4.45
N ASP B 73 -8.77 -1.78 5.13
CA ASP B 73 -7.34 -2.10 5.11
C ASP B 73 -7.03 -2.94 3.87
N VAL B 74 -7.24 -2.32 2.71
CA VAL B 74 -7.08 -3.01 1.44
C VAL B 74 -5.65 -3.55 1.35
N PRO B 75 -5.48 -4.84 1.13
CA PRO B 75 -4.15 -5.42 1.06
C PRO B 75 -3.41 -4.88 -0.15
N PRO B 76 -2.09 -4.90 -0.14
CA PRO B 76 -1.33 -4.52 -1.33
C PRO B 76 -1.62 -5.49 -2.46
N SER B 77 -1.49 -5.00 -3.70
CA SER B 77 -1.65 -5.87 -4.86
C SER B 77 -0.61 -6.98 -4.82
N MET B 78 -1.04 -8.22 -5.06
CA MET B 78 -0.17 -9.37 -4.81
C MET B 78 -0.46 -10.52 -5.78
N SER B 79 0.57 -11.33 -6.02
CA SER B 79 0.44 -12.65 -6.61
C SER B 79 0.84 -13.69 -5.58
N GLY B 80 0.30 -14.90 -5.72
CA GLY B 80 0.71 -15.99 -4.86
C GLY B 80 0.12 -15.97 -3.47
N SER B 81 -0.89 -15.14 -3.22
CA SER B 81 -1.54 -15.14 -1.92
C SER B 81 -2.36 -16.42 -1.73
N CYS B 82 -2.82 -16.61 -0.49
CA CYS B 82 -3.51 -17.84 -0.09
C CYS B 82 -4.83 -17.45 0.56
N ALA B 83 -5.96 -17.82 -0.07
CA ALA B 83 -7.25 -17.37 0.41
C ALA B 83 -8.22 -18.53 0.61
N VAL B 84 -9.16 -18.33 1.55
CA VAL B 84 -10.26 -19.25 1.80
C VAL B 84 -11.55 -18.48 1.98
N CYS B 85 -12.67 -19.18 1.78
CA CYS B 85 -14.00 -18.66 2.04
C CYS B 85 -14.69 -19.59 3.03
N VAL B 86 -14.97 -19.09 4.23
CA VAL B 86 -15.67 -19.84 5.27
C VAL B 86 -16.90 -19.04 5.65
N ASP B 87 -18.08 -19.64 5.48
CA ASP B 87 -19.36 -18.99 5.79
C ASP B 87 -19.41 -17.61 5.15
N ARG B 88 -18.91 -17.51 3.91
CA ARG B 88 -18.89 -16.29 3.11
C ARG B 88 -18.01 -15.20 3.71
N VAL B 89 -17.13 -15.58 4.64
CA VAL B 89 -16.10 -14.69 5.15
C VAL B 89 -14.80 -15.08 4.49
N LEU B 90 -14.16 -14.14 3.81
CA LEU B 90 -12.94 -14.39 3.05
C LEU B 90 -11.73 -14.11 3.94
N TYR B 91 -10.76 -15.01 3.93
CA TYR B 91 -9.52 -14.81 4.66
C TYR B 91 -8.35 -14.96 3.69
N LEU B 92 -7.37 -14.07 3.82
CA LEU B 92 -6.22 -14.05 2.91
C LEU B 92 -4.95 -13.86 3.72
N PHE B 93 -3.94 -14.65 3.39
CA PHE B 93 -2.64 -14.66 4.04
C PHE B 93 -1.55 -14.69 2.98
N GLY B 94 -0.42 -14.08 3.30
CA GLY B 94 0.77 -14.22 2.45
C GLY B 94 0.65 -13.50 1.12
N GLY B 95 1.67 -13.69 0.30
CA GLY B 95 1.69 -13.17 -1.05
C GLY B 95 2.97 -12.39 -1.34
N HIS B 96 3.04 -11.90 -2.57
CA HIS B 96 4.20 -11.14 -3.04
C HIS B 96 3.67 -9.87 -3.68
N HIS B 97 4.08 -8.72 -3.14
CA HIS B 97 3.72 -7.41 -3.67
C HIS B 97 4.98 -6.73 -4.19
N SER B 98 4.84 -5.46 -4.59
CA SER B 98 5.94 -4.77 -5.25
C SER B 98 7.16 -4.61 -4.35
N ARG B 99 7.00 -4.75 -3.04
CA ARG B 99 8.10 -4.64 -2.11
C ARG B 99 8.52 -5.98 -1.52
N GLY B 100 7.98 -7.10 -1.99
CA GLY B 100 8.44 -8.39 -1.52
C GLY B 100 7.36 -9.26 -0.92
N ASN B 101 7.76 -10.21 -0.08
CA ASN B 101 6.80 -11.14 0.50
C ASN B 101 6.24 -10.60 1.82
N THR B 102 5.19 -11.25 2.29
CA THR B 102 4.52 -10.78 3.50
C THR B 102 3.93 -11.97 4.24
N ASN B 103 3.61 -11.73 5.52
CA ASN B 103 2.92 -12.73 6.32
C ASN B 103 1.73 -12.10 7.05
N LYS B 104 1.20 -11.02 6.50
CA LYS B 104 0.02 -10.40 7.04
C LYS B 104 -1.23 -11.19 6.69
N PHE B 105 -2.28 -10.98 7.50
CA PHE B 105 -3.53 -11.73 7.44
C PHE B 105 -4.69 -10.75 7.35
N TYR B 106 -5.61 -11.00 6.41
CA TYR B 106 -6.73 -10.09 6.16
C TYR B 106 -8.04 -10.87 6.14
N MET B 107 -9.11 -10.19 6.57
CA MET B 107 -10.46 -10.70 6.51
C MET B 107 -11.33 -9.76 5.68
N LEU B 108 -12.19 -10.34 4.86
CA LEU B 108 -13.21 -9.59 4.12
C LEU B 108 -14.55 -10.26 4.35
N ASP B 109 -15.44 -9.62 5.10
CA ASP B 109 -16.77 -10.14 5.34
C ASP B 109 -17.65 -9.81 4.14
N SER B 110 -18.10 -10.85 3.42
CA SER B 110 -18.90 -10.69 2.21
C SER B 110 -20.31 -11.24 2.36
N ARG B 111 -20.79 -11.41 3.59
CA ARG B 111 -22.17 -11.81 3.82
C ARG B 111 -23.16 -10.66 3.67
N SER B 112 -22.66 -9.44 3.57
CA SER B 112 -23.46 -8.23 3.63
C SER B 112 -23.79 -7.72 2.23
N THR B 113 -24.53 -6.62 2.18
CA THR B 113 -24.91 -6.00 0.92
C THR B 113 -24.91 -4.47 1.06
N VAL B 116 -20.89 -1.75 1.19
CA VAL B 116 -19.52 -1.65 0.71
C VAL B 116 -18.61 -2.60 1.50
N LEU B 117 -17.99 -3.54 0.81
CA LEU B 117 -17.15 -4.52 1.49
C LEU B 117 -15.90 -3.85 2.04
N GLN B 118 -15.58 -4.15 3.30
CA GLN B 118 -14.45 -3.53 3.99
C GLN B 118 -13.42 -4.61 4.32
N TRP B 119 -12.22 -4.46 3.78
CA TRP B 119 -11.12 -5.30 4.23
C TRP B 119 -10.71 -4.95 5.64
N GLU B 120 -10.30 -5.96 6.40
CA GLU B 120 -9.80 -5.78 7.76
C GLU B 120 -8.50 -6.55 7.89
N ARG B 121 -7.43 -5.85 8.29
CA ARG B 121 -6.17 -6.51 8.60
C ARG B 121 -6.18 -6.92 10.06
N ILE B 122 -5.96 -8.21 10.33
CA ILE B 122 -6.12 -8.75 11.67
C ILE B 122 -4.77 -8.73 12.39
N ASP B 123 -4.76 -8.09 13.57
CA ASP B 123 -3.60 -8.15 14.47
C ASP B 123 -3.66 -9.49 15.19
N CYS B 124 -3.01 -10.49 14.63
CA CYS B 124 -3.06 -11.83 15.18
C CYS B 124 -2.10 -11.97 16.36
N GLN B 125 -2.45 -12.88 17.27
CA GLN B 125 -1.57 -13.24 18.37
C GLN B 125 -0.72 -14.43 17.98
N GLY B 126 0.36 -14.66 18.73
CA GLY B 126 1.25 -15.77 18.45
C GLY B 126 2.29 -15.45 17.39
N ILE B 127 3.09 -16.48 17.07
CA ILE B 127 4.19 -16.34 16.11
C ILE B 127 3.64 -16.65 14.72
N PRO B 128 3.55 -15.68 13.82
CA PRO B 128 2.99 -15.94 12.50
C PRO B 128 4.00 -16.69 11.64
N PRO B 129 3.57 -17.24 10.51
CA PRO B 129 4.52 -17.91 9.62
C PRO B 129 5.48 -16.89 9.01
N SER B 130 6.52 -17.39 8.37
CA SER B 130 7.42 -16.46 7.70
C SER B 130 6.70 -15.84 6.50
N SER B 131 7.29 -14.77 5.97
CA SER B 131 6.71 -14.14 4.79
C SER B 131 6.93 -15.04 3.57
N LYS B 132 5.85 -15.39 2.89
CA LYS B 132 5.96 -16.38 1.82
C LYS B 132 4.77 -16.27 0.88
N ASP B 133 4.90 -16.92 -0.27
CA ASP B 133 3.80 -17.05 -1.22
C ASP B 133 3.77 -18.48 -1.74
N LYS B 134 2.79 -18.76 -2.60
CA LYS B 134 2.68 -20.05 -3.30
C LYS B 134 2.67 -21.23 -2.34
N LEU B 135 1.87 -21.12 -1.29
CA LEU B 135 1.61 -22.18 -0.32
C LEU B 135 0.23 -22.78 -0.59
N GLY B 136 -0.28 -23.56 0.38
CA GLY B 136 -1.66 -24.00 0.33
C GLY B 136 -2.30 -23.95 1.72
N VAL B 137 -3.60 -24.20 1.74
CA VAL B 137 -4.32 -24.13 3.01
C VAL B 137 -5.39 -25.21 3.06
N TRP B 138 -5.63 -25.75 4.25
CA TRP B 138 -6.74 -26.64 4.54
C TRP B 138 -7.63 -26.02 5.60
N VAL B 139 -8.95 -26.18 5.44
CA VAL B 139 -9.94 -25.65 6.36
C VAL B 139 -10.54 -26.80 7.16
N TYR B 140 -10.52 -26.68 8.48
CA TYR B 140 -11.14 -27.71 9.32
C TYR B 140 -11.69 -27.04 10.57
N LYS B 141 -13.02 -26.92 10.65
CA LYS B 141 -13.76 -26.41 11.81
C LYS B 141 -13.34 -24.97 12.04
N ASN B 142 -12.71 -24.64 13.15
CA ASN B 142 -12.31 -23.27 13.48
C ASN B 142 -10.90 -22.95 13.02
N LYS B 143 -10.20 -23.89 12.38
CA LYS B 143 -8.79 -23.76 12.10
C LYS B 143 -8.55 -23.56 10.60
N LEU B 144 -7.66 -22.63 10.29
CA LEU B 144 -7.07 -22.52 8.96
C LEU B 144 -5.63 -23.01 9.07
N ILE B 145 -5.29 -24.01 8.26
CA ILE B 145 -4.05 -24.77 8.39
C ILE B 145 -3.25 -24.58 7.10
N PHE B 146 -2.11 -23.89 7.20
CA PHE B 146 -1.30 -23.51 6.04
C PHE B 146 -0.07 -24.41 5.94
N PHE B 147 0.32 -24.74 4.70
CA PHE B 147 1.46 -25.62 4.51
C PHE B 147 2.36 -25.12 3.40
N GLY B 148 3.67 -25.13 3.66
CA GLY B 148 4.68 -24.88 2.64
C GLY B 148 4.77 -23.43 2.18
N GLY B 149 5.36 -23.27 0.99
CA GLY B 149 5.47 -22.00 0.33
C GLY B 149 6.91 -21.58 0.09
N TYR B 150 7.06 -20.34 -0.40
CA TYR B 150 8.34 -19.79 -0.84
C TYR B 150 8.49 -18.38 -0.29
N GLY B 151 9.60 -18.10 0.35
CA GLY B 151 9.84 -16.75 0.84
C GLY B 151 11.15 -16.65 1.59
N TYR B 152 11.23 -15.63 2.45
CA TYR B 152 12.44 -15.34 3.19
C TYR B 152 12.67 -16.35 4.31
N LEU B 153 13.92 -16.45 4.75
CA LEU B 153 14.27 -17.32 5.85
C LEU B 153 13.47 -16.92 7.10
N PRO B 154 12.97 -17.89 7.86
CA PRO B 154 12.16 -17.55 9.05
C PRO B 154 12.93 -16.68 10.02
N GLU B 155 12.30 -15.57 10.43
CA GLU B 155 12.90 -14.67 11.41
C GLU B 155 12.67 -15.10 12.85
N ASP B 156 11.77 -16.05 13.10
CA ASP B 156 11.51 -16.55 14.43
C ASP B 156 11.71 -18.07 14.48
N LYS B 157 11.60 -18.61 15.69
CA LYS B 157 11.72 -20.05 15.88
C LYS B 157 10.49 -20.75 15.33
N VAL B 158 10.71 -21.73 14.47
CA VAL B 158 9.64 -22.42 13.76
C VAL B 158 9.93 -23.91 13.81
N LEU B 159 8.87 -24.71 13.97
CA LEU B 159 8.96 -26.15 13.77
C LEU B 159 8.89 -26.45 12.29
N GLY B 160 9.84 -27.22 11.80
CA GLY B 160 9.90 -27.59 10.40
C GLY B 160 11.29 -27.37 9.84
N THR B 161 11.39 -27.45 8.52
CA THR B 161 12.66 -27.26 7.84
C THR B 161 12.48 -26.26 6.71
N PHE B 162 13.58 -25.61 6.36
CA PHE B 162 13.63 -24.58 5.33
C PHE B 162 14.87 -24.80 4.50
N GLU B 163 14.75 -24.75 3.18
CA GLU B 163 15.89 -24.97 2.28
C GLU B 163 15.96 -23.84 1.26
N PHE B 164 17.13 -23.20 1.17
CA PHE B 164 17.31 -22.06 0.28
C PHE B 164 17.28 -22.48 -1.20
N ASP B 165 16.84 -21.55 -2.04
CA ASP B 165 16.84 -21.69 -3.49
C ASP B 165 18.10 -21.02 -4.02
N GLU B 166 19.05 -21.82 -4.51
CA GLU B 166 20.35 -21.28 -4.91
C GLU B 166 20.24 -20.24 -6.02
N THR B 167 19.19 -20.34 -6.85
CA THR B 167 18.99 -19.37 -7.91
C THR B 167 18.67 -17.98 -7.39
N SER B 168 18.19 -17.85 -6.15
CA SER B 168 17.81 -16.55 -5.60
C SER B 168 18.97 -15.77 -5.02
N PHE B 169 20.15 -16.39 -4.86
CA PHE B 169 21.25 -15.75 -4.14
C PHE B 169 21.80 -14.55 -4.90
N TRP B 170 21.96 -14.67 -6.22
CA TRP B 170 22.59 -13.61 -7.01
C TRP B 170 21.55 -12.88 -7.86
N HIS B 174 17.52 -10.22 -1.37
CA HIS B 174 17.23 -11.15 -0.29
C HIS B 174 16.95 -12.55 -0.84
N PRO B 175 17.69 -13.54 -0.35
CA PRO B 175 17.48 -14.92 -0.81
C PRO B 175 16.17 -15.47 -0.27
N ARG B 176 15.67 -16.49 -0.96
CA ARG B 176 14.40 -17.11 -0.58
C ARG B 176 14.53 -18.61 -0.71
N GLY B 177 13.57 -19.33 -0.11
CA GLY B 177 13.62 -20.79 -0.09
C GLY B 177 12.27 -21.42 0.18
N TRP B 178 12.24 -22.74 0.06
CA TRP B 178 11.05 -23.53 0.30
C TRP B 178 11.00 -23.99 1.75
N ASN B 179 9.78 -24.17 2.26
CA ASN B 179 9.59 -24.65 3.63
C ASN B 179 8.53 -25.73 3.64
N ASP B 180 8.58 -26.56 4.69
CA ASP B 180 7.59 -27.61 4.93
C ASP B 180 6.73 -27.31 6.14
N HIS B 181 6.64 -26.04 6.53
CA HIS B 181 5.98 -25.63 7.76
C HIS B 181 4.49 -25.90 7.72
N VAL B 182 3.93 -26.24 8.89
CA VAL B 182 2.49 -26.28 9.11
C VAL B 182 2.17 -25.26 10.19
N HIS B 183 1.27 -24.32 9.88
CA HIS B 183 0.84 -23.32 10.84
C HIS B 183 -0.67 -23.31 10.91
N ILE B 184 -1.20 -23.16 12.13
CA ILE B 184 -2.63 -23.08 12.37
C ILE B 184 -2.96 -21.66 12.80
N LEU B 185 -3.95 -21.07 12.14
CA LEU B 185 -4.57 -19.83 12.58
C LEU B 185 -5.95 -20.19 13.12
N ASP B 186 -6.17 -19.94 14.40
CA ASP B 186 -7.41 -20.30 15.07
C ASP B 186 -8.35 -19.11 14.96
N THR B 187 -9.45 -19.26 14.22
CA THR B 187 -10.37 -18.14 14.07
C THR B 187 -11.19 -17.87 15.33
N GLU B 188 -11.14 -18.74 16.35
CA GLU B 188 -11.79 -18.40 17.63
C GLU B 188 -11.08 -17.26 18.33
N THR B 189 -9.77 -17.11 18.10
CA THR B 189 -8.97 -16.06 18.74
C THR B 189 -7.98 -15.37 17.81
N PHE B 190 -7.89 -15.78 16.55
CA PHE B 190 -6.85 -15.26 15.64
C PHE B 190 -5.48 -15.35 16.29
N THR B 191 -5.18 -16.54 16.82
CA THR B 191 -3.89 -16.86 17.40
C THR B 191 -3.17 -17.88 16.50
N TRP B 192 -1.92 -17.58 16.17
CA TRP B 192 -1.07 -18.50 15.43
C TRP B 192 -0.47 -19.56 16.33
N SER B 193 -0.22 -20.75 15.78
CA SER B 193 0.47 -21.82 16.50
C SER B 193 0.89 -22.88 15.48
N GLN B 194 1.56 -23.94 15.98
CA GLN B 194 2.00 -25.05 15.15
C GLN B 194 1.73 -26.36 15.88
N PRO B 195 1.11 -27.33 15.22
CA PRO B 195 0.90 -28.65 15.84
C PRO B 195 2.18 -29.47 15.83
N ILE B 196 2.24 -30.41 16.77
CA ILE B 196 3.32 -31.39 16.82
C ILE B 196 2.87 -32.59 15.98
N THR B 197 3.51 -32.80 14.84
CA THR B 197 3.05 -33.80 13.90
C THR B 197 3.86 -35.08 14.04
N THR B 198 3.23 -36.19 13.72
CA THR B 198 3.92 -37.47 13.60
C THR B 198 4.08 -37.81 12.12
N GLY B 199 4.88 -38.83 11.86
CA GLY B 199 5.15 -39.26 10.51
C GLY B 199 6.11 -38.32 9.80
N LYS B 200 6.39 -38.66 8.56
CA LYS B 200 7.33 -37.90 7.74
C LYS B 200 6.57 -36.86 6.93
N ALA B 201 6.85 -35.59 7.19
CA ALA B 201 6.24 -34.54 6.41
C ALA B 201 6.73 -34.61 4.97
N PRO B 202 5.98 -34.04 4.02
CA PRO B 202 6.53 -33.89 2.68
C PRO B 202 7.73 -32.95 2.74
N SER B 203 8.60 -33.05 1.73
CA SER B 203 9.72 -32.14 1.63
C SER B 203 9.21 -30.71 1.50
N PRO B 204 10.04 -29.72 1.87
CA PRO B 204 9.70 -28.32 1.56
C PRO B 204 9.29 -28.18 0.11
N ARG B 205 8.34 -27.29 -0.16
CA ARG B 205 7.86 -27.13 -1.52
C ARG B 205 7.00 -25.89 -1.62
N ALA B 206 6.85 -25.40 -2.85
CA ALA B 206 6.00 -24.29 -3.18
C ALA B 206 5.26 -24.61 -4.48
N ALA B 207 4.14 -23.95 -4.70
CA ALA B 207 3.31 -24.16 -5.88
C ALA B 207 2.78 -25.59 -5.94
N HIS B 208 2.65 -26.21 -4.77
CA HIS B 208 1.89 -27.44 -4.61
C HIS B 208 0.40 -27.10 -4.66
N ALA B 209 -0.45 -28.11 -4.50
CA ALA B 209 -1.88 -27.90 -4.41
C ALA B 209 -2.44 -28.64 -3.19
N CYS B 210 -3.27 -27.96 -2.42
CA CYS B 210 -3.86 -28.52 -1.22
C CYS B 210 -5.35 -28.75 -1.42
N ALA B 211 -5.89 -29.83 -0.84
CA ALA B 211 -7.32 -30.06 -0.84
C ALA B 211 -7.73 -30.75 0.45
N THR B 212 -8.96 -30.50 0.88
CA THR B 212 -9.46 -31.04 2.15
C THR B 212 -10.71 -31.88 1.93
N VAL B 213 -10.72 -33.10 2.46
CA VAL B 213 -11.94 -33.91 2.55
C VAL B 213 -12.07 -34.40 3.98
N GLY B 214 -13.13 -33.99 4.66
CA GLY B 214 -13.29 -34.35 6.05
C GLY B 214 -12.09 -33.89 6.86
N ASN B 215 -11.47 -34.82 7.58
CA ASN B 215 -10.32 -34.50 8.42
C ASN B 215 -8.99 -34.84 7.76
N ARG B 216 -8.99 -35.07 6.45
CA ARG B 216 -7.74 -35.36 5.73
C ARG B 216 -7.34 -34.13 4.91
N GLY B 217 -6.13 -33.65 5.12
CA GLY B 217 -5.65 -32.53 4.33
C GLY B 217 -4.67 -32.97 3.26
N PHE B 218 -5.12 -33.10 2.02
CA PHE B 218 -4.28 -33.66 0.96
C PHE B 218 -3.36 -32.59 0.37
N VAL B 219 -2.16 -33.02 -0.04
CA VAL B 219 -1.23 -32.20 -0.82
C VAL B 219 -0.62 -33.06 -1.93
N PHE B 220 -0.55 -32.50 -3.14
CA PHE B 220 0.02 -33.20 -4.28
C PHE B 220 1.02 -32.33 -5.02
N GLY B 221 2.14 -32.92 -5.40
CA GLY B 221 3.07 -32.22 -6.29
C GLY B 221 3.82 -31.09 -5.63
N GLY B 222 4.28 -30.14 -6.46
CA GLY B 222 4.99 -28.97 -6.01
C GLY B 222 6.41 -28.85 -6.54
N ARG B 223 6.96 -27.64 -6.51
CA ARG B 223 8.35 -27.42 -6.86
C ARG B 223 9.21 -27.54 -5.62
N TYR B 224 10.37 -28.18 -5.77
CA TYR B 224 11.36 -28.26 -4.70
C TYR B 224 12.72 -28.54 -5.33
N ARG B 225 13.64 -27.58 -5.21
CA ARG B 225 14.96 -27.65 -5.82
C ARG B 225 14.86 -27.89 -7.31
N ASP B 226 15.44 -28.98 -7.78
CA ASP B 226 15.49 -29.25 -9.21
C ASP B 226 14.29 -30.04 -9.72
N ALA B 227 13.31 -30.30 -8.88
CA ALA B 227 12.20 -31.17 -9.26
C ALA B 227 10.87 -30.45 -9.17
N ARG B 228 9.96 -30.83 -10.05
CA ARG B 228 8.54 -30.59 -9.89
C ARG B 228 7.89 -31.95 -9.74
N MET B 229 7.31 -32.20 -8.58
CA MET B 229 7.18 -33.57 -8.10
C MET B 229 5.76 -34.11 -8.27
N ASN B 230 5.64 -35.41 -8.01
CA ASN B 230 4.40 -36.16 -8.23
C ASN B 230 3.94 -36.94 -7.01
N ASP B 231 4.58 -36.77 -5.87
CA ASP B 231 4.17 -37.47 -4.66
C ASP B 231 2.85 -36.91 -4.12
N LEU B 232 2.18 -37.74 -3.33
CA LEU B 232 0.87 -37.43 -2.77
C LEU B 232 0.89 -37.76 -1.28
N HIS B 233 0.46 -36.81 -0.46
CA HIS B 233 0.42 -36.97 0.99
C HIS B 233 -0.92 -36.49 1.52
N TYR B 234 -1.23 -36.89 2.75
CA TYR B 234 -2.30 -36.22 3.48
C TYR B 234 -1.91 -36.09 4.95
N LEU B 235 -2.28 -34.98 5.53
CA LEU B 235 -2.14 -34.77 6.97
C LEU B 235 -3.50 -34.97 7.63
N ASN B 236 -3.52 -35.80 8.67
CA ASN B 236 -4.74 -35.99 9.44
C ASN B 236 -4.96 -34.76 10.33
N LEU B 237 -6.09 -34.09 10.15
CA LEU B 237 -6.32 -32.81 10.82
C LEU B 237 -6.87 -32.97 12.23
N ASP B 238 -7.03 -34.21 12.71
CA ASP B 238 -7.37 -34.48 14.11
C ASP B 238 -6.16 -34.93 14.92
N THR B 239 -5.43 -35.94 14.43
CA THR B 239 -4.31 -36.52 15.16
C THR B 239 -2.96 -35.93 14.75
N TRP B 240 -2.91 -35.19 13.64
CA TRP B 240 -1.69 -34.56 13.13
C TRP B 240 -0.65 -35.59 12.66
N GLU B 241 -1.12 -36.60 11.95
CA GLU B 241 -0.26 -37.66 11.42
C GLU B 241 -0.12 -37.48 9.92
N TRP B 242 1.11 -37.31 9.44
CA TRP B 242 1.39 -37.35 8.01
C TRP B 242 1.33 -38.77 7.47
N ASN B 243 0.74 -38.94 6.29
CA ASN B 243 0.75 -40.21 5.59
C ASN B 243 1.08 -39.98 4.12
N GLU B 244 1.94 -40.83 3.58
CA GLU B 244 2.26 -40.82 2.15
C GLU B 244 1.38 -41.83 1.44
N LEU B 245 0.73 -41.39 0.37
CA LEU B 245 -0.10 -42.26 -0.47
C LEU B 245 0.71 -42.69 -1.69
N ILE B 246 0.74 -43.99 -1.93
CA ILE B 246 1.38 -44.55 -3.13
C ILE B 246 0.30 -45.27 -3.94
N PRO B 247 -0.30 -44.61 -4.91
CA PRO B 247 -1.33 -45.26 -5.73
C PRO B 247 -0.75 -46.38 -6.58
N GLN B 248 -1.63 -47.30 -6.97
CA GLN B 248 -1.23 -48.49 -7.71
C GLN B 248 -1.36 -48.21 -9.21
N GLY B 249 -0.28 -48.45 -9.93
CA GLY B 249 -0.29 -48.29 -11.37
C GLY B 249 0.09 -46.88 -11.79
N ILE B 250 -0.68 -46.32 -12.72
CA ILE B 250 -0.28 -45.12 -13.46
C ILE B 250 -0.67 -43.88 -12.67
N CYS B 251 0.26 -42.93 -12.55
CA CYS B 251 0.10 -41.71 -11.79
C CYS B 251 0.41 -40.48 -12.63
N PRO B 252 -0.17 -39.32 -12.29
CA PRO B 252 0.09 -38.11 -13.08
C PRO B 252 1.55 -37.70 -13.03
N VAL B 253 2.04 -37.13 -14.15
CA VAL B 253 3.39 -36.63 -14.21
C VAL B 253 3.57 -35.54 -13.15
N GLY B 254 4.77 -35.48 -12.57
CA GLY B 254 5.06 -34.49 -11.55
C GLY B 254 4.95 -33.07 -12.08
N ARG B 255 4.50 -32.17 -11.21
CA ARG B 255 4.15 -30.85 -11.70
C ARG B 255 4.02 -29.90 -10.51
N SER B 256 4.05 -28.61 -10.82
CA SER B 256 3.71 -27.55 -9.89
C SER B 256 2.72 -26.62 -10.57
N TRP B 257 2.16 -25.67 -9.83
CA TRP B 257 1.27 -24.66 -10.37
C TRP B 257 -0.02 -25.26 -10.95
N HIS B 258 -0.36 -26.48 -10.49
CA HIS B 258 -1.59 -27.21 -10.78
C HIS B 258 -2.66 -26.85 -9.76
N SER B 259 -3.89 -27.30 -10.03
CA SER B 259 -5.01 -27.16 -9.10
C SER B 259 -5.49 -28.54 -8.68
N LEU B 260 -6.03 -28.62 -7.46
CA LEU B 260 -6.48 -29.87 -6.86
C LEU B 260 -7.73 -29.56 -6.07
N THR B 261 -8.88 -30.09 -6.51
CA THR B 261 -10.17 -29.63 -6.05
C THR B 261 -11.03 -30.82 -5.60
N PRO B 262 -11.54 -30.81 -4.37
CA PRO B 262 -12.53 -31.82 -3.97
C PRO B 262 -13.77 -31.73 -4.84
N VAL B 263 -14.31 -32.88 -5.23
CA VAL B 263 -15.54 -32.85 -6.02
C VAL B 263 -16.60 -33.75 -5.39
N SER B 264 -16.20 -34.56 -4.42
CA SER B 264 -17.11 -35.41 -3.67
C SER B 264 -16.39 -35.82 -2.39
N SER B 265 -17.08 -36.55 -1.53
CA SER B 265 -16.36 -36.99 -0.35
C SER B 265 -15.35 -38.09 -0.67
N ASP B 266 -15.19 -38.46 -1.95
CA ASP B 266 -14.24 -39.51 -2.32
C ASP B 266 -13.41 -39.21 -3.57
N HIS B 267 -13.45 -37.99 -4.13
CA HIS B 267 -12.67 -37.70 -5.33
C HIS B 267 -12.07 -36.31 -5.28
N LEU B 268 -10.80 -36.22 -5.66
CA LEU B 268 -10.14 -34.93 -5.91
C LEU B 268 -9.95 -34.76 -7.41
N PHE B 269 -10.00 -33.52 -7.87
CA PHE B 269 -9.85 -33.23 -9.30
C PHE B 269 -8.57 -32.42 -9.52
N LEU B 270 -7.74 -32.91 -10.44
CA LEU B 270 -6.42 -32.35 -10.74
C LEU B 270 -6.41 -31.83 -12.17
N PHE B 271 -5.93 -30.60 -12.37
CA PHE B 271 -5.83 -30.08 -13.72
C PHE B 271 -4.61 -29.19 -13.89
N GLY B 272 -3.96 -29.32 -15.06
CA GLY B 272 -2.97 -28.35 -15.49
C GLY B 272 -1.64 -28.47 -14.78
N GLY B 273 -0.89 -27.38 -14.82
CA GLY B 273 0.40 -27.30 -14.16
C GLY B 273 1.58 -27.30 -15.12
N PHE B 274 2.75 -27.56 -14.55
CA PHE B 274 4.04 -27.25 -15.19
C PHE B 274 5.02 -28.34 -14.80
N THR B 275 5.55 -29.09 -15.78
CA THR B 275 6.43 -30.23 -15.49
C THR B 275 7.85 -29.77 -15.16
N THR B 276 8.66 -30.72 -14.71
CA THR B 276 10.06 -30.41 -14.39
C THR B 276 10.80 -29.92 -15.64
N ASP B 277 10.52 -30.53 -16.80
CA ASP B 277 11.09 -30.11 -18.08
C ASP B 277 10.35 -28.92 -18.70
N LYS B 278 9.54 -28.21 -17.90
CA LYS B 278 8.98 -26.91 -18.26
C LYS B 278 7.93 -27.00 -19.38
N GLN B 279 7.11 -28.04 -19.35
CA GLN B 279 6.03 -28.21 -20.31
C GLN B 279 4.70 -27.78 -19.68
N PRO B 280 3.95 -26.85 -20.27
CA PRO B 280 2.61 -26.55 -19.74
C PRO B 280 1.69 -27.72 -19.96
N LEU B 281 0.84 -28.02 -18.96
CA LEU B 281 0.01 -29.21 -18.98
C LEU B 281 -1.47 -28.88 -19.14
N SER B 282 -2.15 -29.73 -19.91
CA SER B 282 -3.59 -29.67 -20.10
C SER B 282 -4.29 -30.96 -19.68
N ASP B 283 -3.60 -31.87 -19.02
CA ASP B 283 -4.22 -33.12 -18.63
C ASP B 283 -5.05 -32.93 -17.37
N ALA B 284 -6.10 -33.72 -17.24
CA ALA B 284 -6.92 -33.72 -16.04
C ALA B 284 -7.10 -35.14 -15.55
N TRP B 285 -7.20 -35.30 -14.23
CA TRP B 285 -7.32 -36.58 -13.56
C TRP B 285 -8.28 -36.45 -12.39
N THR B 286 -8.87 -37.58 -11.98
CA THR B 286 -9.52 -37.66 -10.68
C THR B 286 -8.78 -38.71 -9.86
N TYR B 287 -8.52 -38.39 -8.60
CA TYR B 287 -7.96 -39.35 -7.67
C TYR B 287 -9.08 -39.87 -6.78
N CYS B 288 -9.36 -41.17 -6.90
CA CYS B 288 -10.38 -41.81 -6.07
C CYS B 288 -9.76 -42.20 -4.74
N ILE B 289 -10.23 -41.55 -3.67
CA ILE B 289 -9.63 -41.73 -2.35
C ILE B 289 -9.87 -43.14 -1.83
N SER B 290 -11.08 -43.66 -1.99
CA SER B 290 -11.40 -44.99 -1.46
C SER B 290 -10.55 -46.08 -2.13
N LYS B 291 -10.42 -46.02 -3.45
CA LYS B 291 -9.67 -47.01 -4.20
C LYS B 291 -8.17 -46.70 -4.33
N ASN B 292 -7.73 -45.50 -3.95
CA ASN B 292 -6.32 -45.10 -4.01
C ASN B 292 -5.75 -45.25 -5.42
N GLU B 293 -6.53 -44.79 -6.40
CA GLU B 293 -6.10 -44.88 -7.79
C GLU B 293 -6.44 -43.59 -8.53
N TRP B 294 -5.63 -43.29 -9.54
CA TRP B 294 -5.83 -42.16 -10.43
C TRP B 294 -6.51 -42.62 -11.71
N ILE B 295 -7.44 -41.80 -12.21
CA ILE B 295 -8.20 -42.07 -13.42
C ILE B 295 -8.09 -40.84 -14.32
N GLN B 296 -7.64 -41.03 -15.57
CA GLN B 296 -7.55 -39.94 -16.51
C GLN B 296 -8.94 -39.46 -16.91
N PHE B 297 -9.09 -38.14 -17.05
CA PHE B 297 -10.36 -37.50 -17.32
C PHE B 297 -10.33 -36.92 -18.73
N ASN B 298 -11.20 -37.43 -19.60
CA ASN B 298 -11.26 -36.95 -20.97
C ASN B 298 -12.11 -35.68 -21.02
N HIS B 299 -11.58 -34.63 -21.64
CA HIS B 299 -12.20 -33.32 -21.59
C HIS B 299 -11.89 -32.58 -22.88
N PRO B 300 -12.67 -31.56 -23.23
CA PRO B 300 -12.49 -30.86 -24.51
C PRO B 300 -11.41 -29.79 -24.52
N TYR B 301 -10.73 -29.54 -23.40
CA TYR B 301 -9.76 -28.45 -23.29
C TYR B 301 -8.33 -28.94 -23.48
N THR B 302 -8.14 -29.93 -24.35
CA THR B 302 -6.81 -30.49 -24.56
C THR B 302 -5.82 -29.44 -25.03
N GLU B 303 -6.26 -28.47 -25.82
CA GLU B 303 -5.36 -27.45 -26.36
C GLU B 303 -5.27 -26.20 -25.50
N LYS B 304 -5.72 -26.26 -24.24
CA LYS B 304 -5.66 -25.11 -23.33
C LYS B 304 -4.95 -25.49 -22.04
N PRO B 305 -3.63 -25.70 -22.10
CA PRO B 305 -2.86 -25.89 -20.87
C PRO B 305 -2.88 -24.63 -20.01
N ARG B 306 -2.85 -24.83 -18.68
CA ARG B 306 -2.89 -23.71 -17.74
C ARG B 306 -1.98 -23.98 -16.56
N LEU B 307 -1.24 -22.94 -16.16
CA LEU B 307 -0.49 -22.95 -14.91
C LEU B 307 -0.72 -21.65 -14.15
N TRP B 308 -0.75 -21.76 -12.83
CA TRP B 308 -1.06 -20.67 -11.89
C TRP B 308 -2.47 -20.13 -12.10
N HIS B 309 -3.33 -20.97 -12.65
CA HIS B 309 -4.76 -20.75 -12.66
C HIS B 309 -5.33 -20.99 -11.27
N THR B 310 -6.65 -20.88 -11.15
CA THR B 310 -7.34 -21.32 -9.95
C THR B 310 -8.49 -22.23 -10.35
N ALA B 311 -8.97 -23.00 -9.38
CA ALA B 311 -10.10 -23.89 -9.60
C ALA B 311 -11.00 -23.90 -8.38
N CYS B 312 -12.30 -23.83 -8.61
CA CYS B 312 -13.31 -23.87 -7.55
C CYS B 312 -14.45 -24.78 -7.97
N ALA B 313 -14.89 -25.62 -7.02
CA ALA B 313 -15.99 -26.55 -7.25
C ALA B 313 -17.33 -25.87 -7.09
N SER B 314 -18.23 -26.08 -8.04
CA SER B 314 -19.59 -25.59 -7.92
C SER B 314 -20.46 -26.62 -7.22
N ASP B 315 -21.65 -26.19 -6.80
CA ASP B 315 -22.62 -27.08 -6.18
C ASP B 315 -23.30 -28.01 -7.18
N GLU B 316 -23.10 -27.80 -8.48
CA GLU B 316 -23.72 -28.63 -9.51
C GLU B 316 -22.73 -29.61 -10.16
N GLY B 317 -21.73 -30.04 -9.39
CA GLY B 317 -20.81 -31.06 -9.89
C GLY B 317 -19.93 -30.63 -11.04
N GLU B 318 -19.42 -29.41 -10.99
CA GLU B 318 -18.50 -28.91 -12.01
C GLU B 318 -17.33 -28.21 -11.33
N VAL B 319 -16.20 -28.16 -12.02
CA VAL B 319 -15.02 -27.45 -11.53
C VAL B 319 -14.78 -26.27 -12.45
N ILE B 320 -14.75 -25.07 -11.88
CA ILE B 320 -14.58 -23.85 -12.65
C ILE B 320 -13.13 -23.41 -12.53
N VAL B 321 -12.42 -23.43 -13.66
CA VAL B 321 -11.05 -22.96 -13.74
C VAL B 321 -11.05 -21.55 -14.33
N PHE B 322 -10.19 -20.67 -13.82
CA PHE B 322 -10.11 -19.29 -14.30
C PHE B 322 -8.66 -18.81 -14.29
N GLY B 323 -8.31 -18.02 -15.30
CA GLY B 323 -7.02 -17.35 -15.30
C GLY B 323 -5.89 -18.31 -15.56
N GLY B 324 -4.70 -17.93 -15.10
CA GLY B 324 -3.52 -18.73 -15.32
C GLY B 324 -2.88 -18.46 -16.66
N CYS B 325 -1.72 -19.07 -16.85
CA CYS B 325 -0.90 -18.84 -18.04
C CYS B 325 -0.89 -20.09 -18.91
N ALA B 326 -0.97 -19.88 -20.22
CA ALA B 326 -1.02 -20.96 -21.20
C ALA B 326 0.36 -21.46 -21.63
N ASN B 327 1.42 -20.72 -21.34
CA ASN B 327 2.75 -21.13 -21.73
C ASN B 327 3.69 -20.94 -20.54
N ASN B 328 4.99 -21.07 -20.80
CA ASN B 328 5.98 -20.87 -19.74
C ASN B 328 5.92 -19.43 -19.29
N LEU B 329 5.28 -19.19 -18.13
CA LEU B 329 5.11 -17.82 -17.65
C LEU B 329 6.43 -17.19 -17.22
N LEU B 330 7.48 -17.99 -17.04
CA LEU B 330 8.77 -17.44 -16.60
C LEU B 330 9.45 -16.61 -17.69
N VAL B 331 8.99 -16.73 -18.94
CA VAL B 331 9.43 -15.85 -20.02
C VAL B 331 8.39 -14.73 -20.06
N HIS B 332 8.64 -13.67 -19.28
CA HIS B 332 7.59 -12.69 -19.02
C HIS B 332 7.11 -12.02 -20.29
N HIS B 333 8.03 -11.64 -21.17
CA HIS B 333 7.66 -10.88 -22.36
C HIS B 333 6.87 -11.70 -23.36
N ARG B 334 6.89 -13.03 -23.23
CA ARG B 334 6.15 -13.92 -24.11
C ARG B 334 4.97 -14.60 -23.42
N ALA B 335 4.72 -14.28 -22.15
CA ALA B 335 3.71 -15.01 -21.38
C ALA B 335 2.32 -14.78 -21.94
N ALA B 336 1.50 -15.83 -21.95
CA ALA B 336 0.14 -15.76 -22.48
C ALA B 336 -0.84 -15.98 -21.34
N HIS B 337 -1.11 -14.90 -20.60
CA HIS B 337 -2.07 -14.93 -19.49
C HIS B 337 -3.49 -14.92 -20.02
N SER B 338 -4.39 -15.62 -19.30
CA SER B 338 -5.75 -15.82 -19.76
C SER B 338 -6.74 -15.25 -18.75
N ASN B 339 -7.92 -14.86 -19.26
CA ASN B 339 -9.07 -14.57 -18.41
C ASN B 339 -10.24 -15.50 -18.73
N GLU B 340 -9.96 -16.64 -19.33
CA GLU B 340 -10.99 -17.56 -19.78
C GLU B 340 -11.52 -18.43 -18.64
N ILE B 341 -12.80 -18.77 -18.71
CA ILE B 341 -13.41 -19.73 -17.81
C ILE B 341 -13.43 -21.08 -18.51
N LEU B 342 -12.86 -22.10 -17.86
CA LEU B 342 -12.92 -23.48 -18.31
C LEU B 342 -13.81 -24.27 -17.34
N ILE B 343 -14.90 -24.85 -17.84
CA ILE B 343 -15.85 -25.55 -17.00
C ILE B 343 -15.70 -27.04 -17.24
N PHE B 344 -15.42 -27.79 -16.18
CA PHE B 344 -15.22 -29.24 -16.22
C PHE B 344 -16.41 -29.93 -15.58
N SER B 345 -16.99 -30.89 -16.29
CA SER B 345 -18.18 -31.60 -15.82
C SER B 345 -17.75 -32.95 -15.23
N VAL B 346 -17.26 -32.90 -14.00
CA VAL B 346 -16.73 -34.09 -13.35
C VAL B 346 -17.86 -34.99 -12.85
#